data_7AM0
#
_entry.id   7AM0
#
_cell.length_a   76.872
_cell.length_b   65.760
_cell.length_c   102.660
_cell.angle_alpha   90.00
_cell.angle_beta   104.27
_cell.angle_gamma   90.00
#
_symmetry.space_group_name_H-M   'P 1 21 1'
#
loop_
_entity.id
_entity.type
_entity.pdbx_description
1 polymer 'Prephenate dehydratase'
2 non-polymer PHENYLALANINE
3 water water
#
_entity_poly.entity_id   1
_entity_poly.type   'polypeptide(L)'
_entity_poly.pdbx_seq_one_letter_code
;MNGERIIAFQGRPGAYSDLACRQARPGWTTLPCQTFAQTIAAVHDGRAELAMLACENSLAGRVPDIHALLPEAGLFIVGE
HFQRVEHCLLGIPGSTLADARRIHTHPVAMAQVRGIITELGLDPVVEFDTAGAAEMVREWGRKEDVAVASALAAELNGLE
ILRRNVEDATHNTTRFYIASRRPATLPPPGPGFMTTLLFRVNNQPGALYKALGGLATAGVNMTRLESYMLEGSFSATQFL
MDVEGHPEAPPLARALDELSFFSEQQEILGVYPASPFRRKP
;
_entity_poly.pdbx_strand_id   A,B,C,D
#
# COMPACT_ATOMS: atom_id res chain seq x y z
N ARG A 5 21.17 34.86 21.72
CA ARG A 5 21.48 35.53 20.42
C ARG A 5 22.81 35.05 19.82
N ILE A 6 23.26 33.86 20.26
CA ILE A 6 24.45 33.21 19.74
C ILE A 6 24.06 31.91 19.07
N ILE A 7 24.56 31.71 17.85
CA ILE A 7 24.32 30.50 17.08
C ILE A 7 25.65 29.79 16.80
N ALA A 8 25.75 28.54 17.26
CA ALA A 8 26.94 27.71 17.05
C ALA A 8 26.90 27.11 15.66
N PHE A 9 28.08 26.95 15.06
CA PHE A 9 28.25 26.24 13.81
C PHE A 9 29.54 25.44 13.82
N GLN A 10 29.64 24.47 12.92
CA GLN A 10 30.82 23.63 12.76
C GLN A 10 31.67 24.19 11.62
N GLY A 11 32.98 24.32 11.89
CA GLY A 11 33.93 24.90 10.96
C GLY A 11 34.65 26.09 11.57
N ARG A 12 35.23 26.92 10.70
CA ARG A 12 35.99 28.09 11.09
C ARG A 12 35.37 29.35 10.49
N PRO A 13 35.66 30.56 11.02
CA PRO A 13 35.09 31.80 10.48
C PRO A 13 35.21 31.90 8.96
N GLY A 14 34.12 32.30 8.30
CA GLY A 14 34.06 32.44 6.85
C GLY A 14 33.66 31.17 6.10
N ALA A 15 33.41 30.09 6.85
CA ALA A 15 32.87 28.86 6.28
C ALA A 15 31.43 29.11 5.89
N TYR A 16 30.95 28.36 4.89
CA TYR A 16 29.60 28.52 4.39
C TYR A 16 28.54 28.30 5.49
N SER A 17 28.86 27.44 6.45
CA SER A 17 28.05 27.27 7.67
C SER A 17 27.95 28.57 8.47
N ASP A 18 29.05 29.32 8.53
CA ASP A 18 29.11 30.64 9.16
C ASP A 18 28.18 31.61 8.43
N LEU A 19 28.29 31.62 7.09
CA LEU A 19 27.44 32.43 6.22
C LEU A 19 25.97 32.08 6.37
N ALA A 20 25.69 30.79 6.51
CA ALA A 20 24.34 30.30 6.74
C ALA A 20 23.72 30.92 7.99
N CYS A 21 24.51 30.95 9.07
CA CYS A 21 24.07 31.53 10.34
C CYS A 21 23.69 33.00 10.19
N ARG A 22 24.49 33.74 9.43
CA ARG A 22 24.31 35.17 9.22
C ARG A 22 23.17 35.46 8.25
N GLN A 23 22.97 34.55 7.29
CA GLN A 23 21.81 34.56 6.40
C GLN A 23 20.51 34.30 7.17
N ALA A 24 20.46 33.22 7.95
CA ALA A 24 19.25 32.78 8.62
C ALA A 24 18.93 33.53 9.92
N ARG A 25 19.94 34.15 10.52
CA ARG A 25 19.82 34.90 11.77
C ARG A 25 20.75 36.11 11.74
N PRO A 26 20.43 37.15 10.94
CA PRO A 26 21.30 38.32 10.83
C PRO A 26 21.42 39.07 12.16
N GLY A 27 22.65 39.50 12.48
CA GLY A 27 22.94 40.22 13.72
C GLY A 27 23.35 39.35 14.88
N TRP A 28 23.10 38.04 14.78
CA TRP A 28 23.48 37.07 15.80
C TRP A 28 24.98 36.83 15.73
N THR A 29 25.65 36.80 16.89
CA THR A 29 27.03 36.39 16.99
C THR A 29 27.11 34.89 16.70
N THR A 30 28.01 34.49 15.80
CA THR A 30 28.21 33.10 15.44
C THR A 30 29.40 32.54 16.22
N LEU A 31 29.25 31.29 16.72
CA LEU A 31 30.23 30.63 17.56
C LEU A 31 30.89 29.47 16.81
N PRO A 32 32.11 29.65 16.26
CA PRO A 32 32.81 28.55 15.59
C PRO A 32 33.16 27.42 16.54
N CYS A 33 32.94 26.18 16.08
CA CYS A 33 33.31 24.97 16.80
C CYS A 33 33.96 24.05 15.79
N GLN A 34 34.99 23.32 16.22
CA GLN A 34 35.77 22.46 15.33
C GLN A 34 35.05 21.16 14.99
N THR A 35 34.25 20.66 15.94
CA THR A 35 33.57 19.37 15.83
C THR A 35 32.05 19.56 15.90
N PHE A 36 31.32 18.62 15.30
CA PHE A 36 29.87 18.62 15.33
C PHE A 36 29.35 18.41 16.76
N ALA A 37 30.02 17.52 17.51
CA ALA A 37 29.71 17.26 18.91
C ALA A 37 29.83 18.52 19.78
N GLN A 38 30.86 19.33 19.52
CA GLN A 38 31.05 20.61 20.20
C GLN A 38 29.94 21.62 19.85
N THR A 39 29.51 21.62 18.58
CA THR A 39 28.44 22.49 18.10
C THR A 39 27.13 22.23 18.87
N ILE A 40 26.78 20.95 19.04
CA ILE A 40 25.58 20.57 19.78
C ILE A 40 25.76 20.81 21.28
N ALA A 41 26.97 20.55 21.78
CA ALA A 41 27.32 20.76 23.20
C ALA A 41 27.14 22.21 23.61
N ALA A 42 27.47 23.14 22.70
CA ALA A 42 27.34 24.58 22.93
C ALA A 42 25.89 24.96 23.25
N VAL A 43 24.93 24.34 22.55
CA VAL A 43 23.51 24.58 22.76
C VAL A 43 23.01 23.89 24.03
N HIS A 44 23.48 22.66 24.26
CA HIS A 44 23.14 21.88 25.45
C HIS A 44 23.57 22.58 26.74
N ASP A 45 24.78 23.17 26.71
CA ASP A 45 25.39 23.79 27.88
C ASP A 45 24.93 25.23 28.13
N GLY A 46 24.28 25.85 27.14
CA GLY A 46 23.79 27.20 27.24
C GLY A 46 24.73 28.26 26.68
N ARG A 47 25.83 27.80 26.07
CA ARG A 47 26.82 28.68 25.42
C ARG A 47 26.31 29.23 24.09
N ALA A 48 25.23 28.64 23.56
CA ALA A 48 24.55 29.10 22.35
C ALA A 48 23.05 28.79 22.42
N GLU A 49 22.24 29.66 21.81
CA GLU A 49 20.80 29.47 21.72
C GLU A 49 20.46 28.42 20.66
N LEU A 50 21.04 28.59 19.47
CA LEU A 50 20.82 27.73 18.33
C LEU A 50 22.11 27.06 17.83
N ALA A 51 21.92 26.03 17.00
CA ALA A 51 23.00 25.37 16.28
C ALA A 51 22.60 25.25 14.80
N MET A 52 23.52 25.61 13.92
CA MET A 52 23.37 25.46 12.48
C MET A 52 24.09 24.18 12.10
N LEU A 53 23.32 23.14 11.72
CA LEU A 53 23.83 21.82 11.38
C LEU A 53 23.52 21.53 9.94
N ALA A 54 24.56 21.28 9.14
CA ALA A 54 24.41 20.84 7.77
C ALA A 54 23.77 19.45 7.78
N CYS A 55 22.84 19.22 6.85
CA CYS A 55 22.14 17.92 6.75
C CYS A 55 22.14 17.30 5.34
N GLU A 56 22.11 18.14 4.30
CA GLU A 56 22.08 17.68 2.91
C GLU A 56 22.79 18.59 1.94
N ASN A 57 23.37 17.98 0.90
CA ASN A 57 24.01 18.67 -0.22
C ASN A 57 23.61 18.03 -1.54
N SER A 58 23.23 18.89 -2.51
CA SER A 58 22.76 18.42 -3.82
C SER A 58 23.85 17.73 -4.65
N LEU A 59 25.11 18.14 -4.45
CA LEU A 59 26.26 17.55 -5.17
C LEU A 59 27.14 16.72 -4.23
N ALA A 60 27.72 17.39 -3.24
CA ALA A 60 28.65 16.76 -2.29
C ALA A 60 28.88 17.67 -1.10
N GLY A 61 29.37 17.09 0.00
CA GLY A 61 29.66 17.82 1.23
C GLY A 61 29.84 16.91 2.44
N ARG A 62 30.31 17.51 3.53
CA ARG A 62 30.49 16.83 4.80
C ARG A 62 29.33 17.18 5.72
N VAL A 63 28.51 16.19 6.08
CA VAL A 63 27.38 16.36 6.98
C VAL A 63 27.49 15.41 8.17
N PRO A 64 27.15 15.86 9.39
CA PRO A 64 27.14 14.99 10.57
C PRO A 64 25.96 14.01 10.59
N ASP A 65 26.14 12.91 11.32
CA ASP A 65 25.09 11.97 11.66
C ASP A 65 24.41 12.42 12.97
N ILE A 66 23.21 13.00 12.85
CA ILE A 66 22.48 13.59 13.98
C ILE A 66 21.50 12.63 14.69
N HIS A 67 21.36 11.41 14.15
CA HIS A 67 20.21 10.55 14.45
C HIS A 67 20.15 10.13 15.92
N ALA A 68 21.32 9.92 16.52
CA ALA A 68 21.46 9.57 17.94
C ALA A 68 21.87 10.77 18.78
N LEU A 69 22.91 11.49 18.33
CA LEU A 69 23.53 12.56 19.10
C LEU A 69 22.61 13.76 19.39
N LEU A 70 21.74 14.10 18.43
CA LEU A 70 20.84 15.25 18.57
C LEU A 70 19.75 15.04 19.64
N PRO A 71 18.94 13.96 19.59
CA PRO A 71 17.97 13.70 20.67
C PRO A 71 18.63 13.50 22.05
N GLU A 72 19.79 12.85 22.06
CA GLU A 72 20.55 12.63 23.28
C GLU A 72 21.20 13.89 23.85
N ALA A 73 21.31 14.99 23.10
CA ALA A 73 21.68 16.29 23.68
C ALA A 73 20.45 17.08 24.14
N GLY A 74 19.27 16.46 24.05
CA GLY A 74 17.99 17.10 24.22
C GLY A 74 17.61 18.25 23.29
N LEU A 75 18.18 18.27 22.08
CA LEU A 75 17.94 19.34 21.11
C LEU A 75 16.70 19.00 20.27
N PHE A 76 16.27 19.96 19.46
CA PHE A 76 15.02 19.90 18.73
C PHE A 76 15.09 20.84 17.53
N ILE A 77 14.79 20.32 16.33
CA ILE A 77 14.89 21.09 15.09
C ILE A 77 13.74 22.10 15.04
N VAL A 78 14.10 23.39 15.10
CA VAL A 78 13.14 24.50 15.11
C VAL A 78 13.12 25.29 13.80
N GLY A 79 13.95 24.88 12.84
CA GLY A 79 14.03 25.55 11.56
C GLY A 79 14.92 24.81 10.57
N GLU A 80 14.85 25.24 9.31
CA GLU A 80 15.75 24.76 8.26
C GLU A 80 16.22 25.97 7.47
N HIS A 81 17.29 25.77 6.68
CA HIS A 81 17.78 26.80 5.80
C HIS A 81 18.44 26.18 4.56
N PHE A 82 18.16 26.79 3.40
CA PHE A 82 18.79 26.40 2.14
C PHE A 82 19.76 27.52 1.71
N GLN A 83 20.94 27.09 1.25
CA GLN A 83 22.00 27.97 0.80
C GLN A 83 22.48 27.55 -0.59
N ARG A 84 22.31 28.44 -1.56
CA ARG A 84 22.98 28.31 -2.85
C ARG A 84 24.41 28.77 -2.68
N VAL A 85 25.34 27.80 -2.66
CA VAL A 85 26.76 28.05 -2.40
C VAL A 85 27.34 28.91 -3.52
N GLU A 86 27.87 30.07 -3.13
CA GLU A 86 28.41 31.07 -4.04
C GLU A 86 29.91 31.23 -3.81
N HIS A 87 30.69 30.81 -4.80
CA HIS A 87 32.14 30.79 -4.76
C HIS A 87 32.70 32.13 -5.25
N CYS A 88 33.57 32.73 -4.45
CA CYS A 88 34.35 33.91 -4.82
C CYS A 88 35.81 33.52 -4.95
N LEU A 89 36.49 34.10 -5.95
CA LEU A 89 37.93 33.98 -6.09
C LEU A 89 38.56 35.12 -5.26
N LEU A 90 39.34 34.73 -4.24
CA LEU A 90 39.89 35.67 -3.26
C LEU A 90 41.41 35.78 -3.36
N GLY A 91 41.90 37.02 -3.35
CA GLY A 91 43.32 37.33 -3.37
C GLY A 91 43.69 38.29 -2.25
N ILE A 92 45.00 38.49 -2.07
CA ILE A 92 45.52 39.33 -1.01
C ILE A 92 45.24 40.79 -1.31
N PRO A 93 45.12 41.67 -0.28
CA PRO A 93 44.93 43.10 -0.53
C PRO A 93 45.92 43.67 -1.57
N GLY A 94 45.37 44.20 -2.67
CA GLY A 94 46.14 44.80 -3.74
C GLY A 94 46.50 43.87 -4.91
N SER A 95 46.12 42.59 -4.81
CA SER A 95 46.37 41.61 -5.87
C SER A 95 45.39 41.76 -7.02
N THR A 96 45.67 41.06 -8.12
CA THR A 96 44.82 41.03 -9.31
C THR A 96 44.80 39.62 -9.90
N LEU A 97 43.88 39.40 -10.84
CA LEU A 97 43.71 38.11 -11.52
C LEU A 97 45.00 37.65 -12.20
N ALA A 98 45.72 38.60 -12.80
CA ALA A 98 46.93 38.30 -13.55
C ALA A 98 48.04 37.71 -12.66
N ASP A 99 48.14 38.23 -11.43
CA ASP A 99 49.13 37.76 -10.45
C ASP A 99 48.95 36.29 -10.09
N ALA A 100 47.70 35.84 -10.00
CA ALA A 100 47.33 34.50 -9.57
C ALA A 100 48.00 33.42 -10.41
N ARG A 101 48.69 32.50 -9.73
CA ARG A 101 49.31 31.32 -10.34
C ARG A 101 48.75 30.02 -9.77
N ARG A 102 48.58 29.96 -8.45
CA ARG A 102 48.05 28.81 -7.75
C ARG A 102 46.70 29.13 -7.11
N ILE A 103 45.78 28.16 -7.14
CA ILE A 103 44.42 28.31 -6.62
C ILE A 103 44.13 27.26 -5.56
N HIS A 104 43.68 27.73 -4.38
CA HIS A 104 43.51 26.90 -3.19
C HIS A 104 42.05 26.82 -2.78
N THR A 105 41.53 25.60 -2.64
CA THR A 105 40.16 25.36 -2.18
C THR A 105 39.87 23.88 -1.94
N HIS A 106 38.63 23.59 -1.51
CA HIS A 106 38.17 22.25 -1.22
C HIS A 106 38.08 21.43 -2.52
N PRO A 107 38.40 20.12 -2.49
CA PRO A 107 38.29 19.26 -3.67
C PRO A 107 37.06 19.46 -4.56
N VAL A 108 35.87 19.54 -3.95
CA VAL A 108 34.60 19.66 -4.68
C VAL A 108 34.51 21.03 -5.36
N ALA A 109 34.83 22.09 -4.61
CA ALA A 109 34.88 23.45 -5.15
C ALA A 109 35.81 23.56 -6.36
N MET A 110 36.97 22.91 -6.26
CA MET A 110 37.97 22.89 -7.33
C MET A 110 37.40 22.33 -8.64
N ALA A 111 36.55 21.30 -8.51
CA ALA A 111 35.86 20.70 -9.66
C ALA A 111 34.87 21.68 -10.27
N GLN A 112 34.09 22.35 -9.40
CA GLN A 112 33.08 23.33 -9.80
C GLN A 112 33.64 24.56 -10.54
N VAL A 113 34.92 24.88 -10.31
CA VAL A 113 35.57 26.05 -10.89
C VAL A 113 36.69 25.72 -11.90
N ARG A 114 36.55 24.58 -12.58
CA ARG A 114 37.54 24.13 -13.56
C ARG A 114 37.69 25.13 -14.71
N GLY A 115 36.59 25.82 -15.04
CA GLY A 115 36.55 26.82 -16.10
C GLY A 115 37.51 27.98 -15.88
N ILE A 116 37.48 28.56 -14.67
CA ILE A 116 38.32 29.71 -14.32
C ILE A 116 39.79 29.31 -14.14
N ILE A 117 40.03 28.05 -13.77
CA ILE A 117 41.38 27.48 -13.68
C ILE A 117 42.04 27.44 -15.05
N THR A 118 41.36 26.84 -16.02
CA THR A 118 41.81 26.81 -17.42
C THR A 118 41.87 28.21 -18.04
N GLU A 119 40.86 29.04 -17.72
CA GLU A 119 40.79 30.42 -18.23
C GLU A 119 42.01 31.24 -17.86
N LEU A 120 42.42 31.18 -16.59
CA LEU A 120 43.58 31.94 -16.07
C LEU A 120 44.88 31.12 -16.03
N GLY A 121 44.82 29.87 -16.50
CA GLY A 121 45.91 28.91 -16.43
C GLY A 121 46.52 28.76 -15.06
N LEU A 122 45.71 28.35 -14.08
CA LEU A 122 46.12 28.25 -12.68
C LEU A 122 46.51 26.82 -12.33
N ASP A 123 47.32 26.69 -11.27
CA ASP A 123 47.75 25.43 -10.72
C ASP A 123 46.84 25.09 -9.55
N PRO A 124 46.04 23.99 -9.63
CA PRO A 124 45.17 23.62 -8.51
C PRO A 124 45.93 23.07 -7.31
N VAL A 125 45.65 23.64 -6.13
CA VAL A 125 46.24 23.20 -4.86
C VAL A 125 45.10 22.93 -3.87
N VAL A 126 44.77 21.65 -3.70
CA VAL A 126 43.59 21.25 -2.92
C VAL A 126 43.85 21.34 -1.41
N GLU A 127 43.01 22.09 -0.70
CA GLU A 127 43.06 22.25 0.76
C GLU A 127 41.89 21.53 1.43
N PHE A 128 41.93 21.43 2.77
CA PHE A 128 40.93 20.73 3.55
C PHE A 128 39.52 21.32 3.37
N ASP A 129 39.41 22.64 3.52
CA ASP A 129 38.15 23.36 3.31
C ASP A 129 38.40 24.76 2.74
N THR A 130 37.31 25.45 2.38
CA THR A 130 37.35 26.75 1.75
C THR A 130 37.83 27.87 2.68
N ALA A 131 37.35 27.84 3.94
CA ALA A 131 37.68 28.85 4.95
C ALA A 131 39.17 28.83 5.27
N GLY A 132 39.74 27.61 5.36
CA GLY A 132 41.15 27.42 5.59
C GLY A 132 42.00 27.95 4.45
N ALA A 133 41.56 27.68 3.22
CA ALA A 133 42.21 28.18 2.01
C ALA A 133 42.26 29.70 2.00
N ALA A 134 41.19 30.34 2.49
CA ALA A 134 41.13 31.80 2.63
C ALA A 134 42.12 32.31 3.68
N GLU A 135 42.18 31.60 4.81
CA GLU A 135 43.08 31.92 5.91
C GLU A 135 44.55 31.75 5.52
N MET A 136 44.85 30.67 4.80
CA MET A 136 46.18 30.35 4.31
C MET A 136 46.68 31.41 3.33
N VAL A 137 45.84 31.82 2.38
CA VAL A 137 46.17 32.84 1.40
C VAL A 137 46.48 34.17 2.08
N ARG A 138 45.71 34.51 3.12
CA ARG A 138 45.98 35.67 3.96
C ARG A 138 47.34 35.55 4.68
N GLU A 139 47.54 34.40 5.34
CA GLU A 139 48.75 34.13 6.14
C GLU A 139 50.02 34.20 5.31
N TRP A 140 50.00 33.54 4.14
CA TRP A 140 51.07 33.58 3.18
C TRP A 140 50.81 34.94 2.56
N GLY A 141 51.88 35.71 2.39
CA GLY A 141 51.77 37.06 1.87
C GLY A 141 51.42 37.18 0.39
N ARG A 142 51.30 36.05 -0.31
CA ARG A 142 51.66 35.91 -1.72
C ARG A 142 50.52 36.13 -2.70
N LYS A 143 50.69 37.15 -3.56
CA LYS A 143 49.76 37.47 -4.65
C LYS A 143 49.62 36.36 -5.68
N GLU A 144 50.60 35.44 -5.70
CA GLU A 144 50.59 34.28 -6.59
C GLU A 144 49.52 33.27 -6.18
N ASP A 145 49.23 33.22 -4.87
CA ASP A 145 48.20 32.34 -4.31
C ASP A 145 46.87 33.06 -4.16
N VAL A 146 45.80 32.44 -4.67
CA VAL A 146 44.43 32.88 -4.48
C VAL A 146 43.61 31.73 -3.90
N ALA A 147 42.48 32.08 -3.27
CA ALA A 147 41.55 31.09 -2.71
C ALA A 147 40.21 31.15 -3.41
N VAL A 148 39.49 30.03 -3.39
CA VAL A 148 38.06 29.98 -3.70
C VAL A 148 37.33 29.70 -2.39
N ALA A 149 36.51 30.66 -1.96
CA ALA A 149 35.78 30.58 -0.69
C ALA A 149 34.61 31.58 -0.69
N SER A 150 33.88 31.63 0.42
CA SER A 150 32.73 32.51 0.57
C SER A 150 33.14 33.97 0.59
N ALA A 151 32.20 34.85 0.24
CA ALA A 151 32.37 36.30 0.32
C ALA A 151 32.64 36.75 1.75
N LEU A 152 32.07 36.01 2.70
CA LEU A 152 32.27 36.25 4.12
C LEU A 152 33.72 35.96 4.53
N ALA A 153 34.30 34.90 3.96
CA ALA A 153 35.68 34.51 4.23
C ALA A 153 36.65 35.62 3.80
N ALA A 154 36.33 36.31 2.70
CA ALA A 154 37.08 37.46 2.22
C ALA A 154 37.03 38.62 3.21
N GLU A 155 35.81 38.95 3.67
CA GLU A 155 35.58 40.03 4.62
C GLU A 155 36.35 39.80 5.93
N LEU A 156 36.17 38.60 6.51
CA LEU A 156 36.75 38.27 7.80
C LEU A 156 38.27 38.14 7.77
N ASN A 157 38.84 37.84 6.60
CA ASN A 157 40.29 37.73 6.41
C ASN A 157 40.92 38.91 5.65
N GLY A 158 40.11 39.93 5.35
CA GLY A 158 40.56 41.14 4.68
C GLY A 158 41.10 40.93 3.27
N LEU A 159 40.65 39.86 2.61
CA LEU A 159 41.02 39.54 1.24
C LEU A 159 40.10 40.30 0.29
N GLU A 160 40.60 40.52 -0.93
CA GLU A 160 39.85 41.16 -2.00
C GLU A 160 39.17 40.11 -2.84
N ILE A 161 37.96 40.43 -3.32
CA ILE A 161 37.20 39.55 -4.20
C ILE A 161 37.63 39.90 -5.63
N LEU A 162 38.31 38.95 -6.27
CA LEU A 162 38.83 39.11 -7.63
C LEU A 162 37.74 38.79 -8.67
N ARG A 163 36.77 37.97 -8.28
CA ARG A 163 35.59 37.65 -9.08
C ARG A 163 34.54 36.99 -8.20
N ARG A 164 33.30 37.49 -8.23
CA ARG A 164 32.30 37.24 -7.19
C ARG A 164 31.45 35.98 -7.32
N ASN A 165 30.89 35.75 -8.52
CA ASN A 165 30.17 34.51 -8.82
C ASN A 165 30.94 33.64 -9.83
N VAL A 166 32.03 33.03 -9.38
CA VAL A 166 32.85 32.18 -10.22
C VAL A 166 31.88 31.08 -10.64
N GLU A 167 31.61 30.99 -11.94
CA GLU A 167 30.65 30.02 -12.50
C GLU A 167 31.04 28.63 -12.04
N ASP A 168 30.07 27.87 -11.52
CA ASP A 168 30.24 26.47 -11.18
C ASP A 168 29.84 25.71 -12.43
N ALA A 169 30.48 24.55 -12.65
CA ALA A 169 30.13 23.62 -13.72
C ALA A 169 28.78 22.97 -13.42
N THR A 170 28.72 22.30 -12.27
CA THR A 170 27.48 21.84 -11.66
C THR A 170 27.45 22.51 -10.30
N HIS A 171 26.35 23.24 -10.02
CA HIS A 171 26.22 24.00 -8.78
C HIS A 171 25.95 23.06 -7.59
N ASN A 172 26.14 23.60 -6.39
CA ASN A 172 25.78 22.92 -5.14
C ASN A 172 24.86 23.79 -4.28
N THR A 173 23.88 23.13 -3.65
CA THR A 173 23.00 23.73 -2.66
C THR A 173 23.15 22.93 -1.39
N THR A 174 23.21 23.63 -0.25
CA THR A 174 23.36 23.00 1.05
C THR A 174 22.13 23.30 1.88
N ARG A 175 21.58 22.25 2.52
CA ARG A 175 20.44 22.37 3.40
C ARG A 175 20.92 22.15 4.83
N PHE A 176 20.36 22.92 5.76
CA PHE A 176 20.73 22.85 7.17
C PHE A 176 19.50 22.67 8.05
N TYR A 177 19.65 21.92 9.13
CA TYR A 177 18.72 21.97 10.26
C TYR A 177 19.20 23.06 11.22
N ILE A 178 18.25 23.76 11.83
CA ILE A 178 18.51 24.74 12.88
C ILE A 178 17.90 24.17 14.16
N ALA A 179 18.75 23.82 15.12
CA ALA A 179 18.36 23.15 16.35
C ALA A 179 18.54 24.05 17.56
N SER A 180 17.58 23.94 18.49
CA SER A 180 17.65 24.62 19.78
C SER A 180 17.44 23.59 20.88
N ARG A 181 17.52 24.03 22.14
CA ARG A 181 17.14 23.21 23.27
C ARG A 181 15.64 22.93 23.17
N ARG A 182 15.25 21.69 23.48
CA ARG A 182 13.86 21.24 23.35
C ARG A 182 12.92 22.25 24.00
N PRO A 183 11.96 22.84 23.25
CA PRO A 183 11.01 23.78 23.82
C PRO A 183 9.88 23.07 24.58
N ALA A 184 9.21 23.80 25.47
CA ALA A 184 8.20 23.26 26.36
C ALA A 184 7.01 22.68 25.60
N THR A 185 6.53 23.44 24.59
CA THR A 185 5.42 23.04 23.72
C THR A 185 5.81 23.13 22.25
N LEU A 186 5.03 22.47 21.39
CA LEU A 186 5.24 22.51 19.95
C LEU A 186 4.66 23.80 19.39
N PRO A 187 5.14 24.29 18.22
CA PRO A 187 4.51 25.43 17.56
C PRO A 187 3.03 25.13 17.29
N PRO A 188 2.12 26.12 17.40
CA PRO A 188 0.69 25.84 17.30
C PRO A 188 0.29 25.38 15.90
N PRO A 189 -0.65 24.42 15.77
CA PRO A 189 -1.07 23.90 14.46
C PRO A 189 -1.36 25.01 13.44
N GLY A 190 -0.93 24.79 12.20
CA GLY A 190 -1.03 25.78 11.14
C GLY A 190 -0.42 25.29 9.83
N PRO A 191 -0.60 26.03 8.71
CA PRO A 191 -0.06 25.62 7.43
C PRO A 191 1.43 25.94 7.30
N GLY A 192 2.08 25.32 6.31
CA GLY A 192 3.47 25.59 5.97
C GLY A 192 4.53 24.96 6.85
N PHE A 193 4.12 24.03 7.72
CA PHE A 193 5.05 23.37 8.65
C PHE A 193 5.66 22.10 8.06
N MET A 194 6.85 21.77 8.56
CA MET A 194 7.54 20.51 8.30
C MET A 194 7.73 19.79 9.62
N THR A 195 7.86 18.46 9.53
CA THR A 195 8.10 17.62 10.69
C THR A 195 9.22 16.64 10.39
N THR A 196 10.20 16.59 11.29
CA THR A 196 11.26 15.58 11.23
C THR A 196 11.06 14.65 12.41
N LEU A 197 11.10 13.34 12.12
CA LEU A 197 10.93 12.32 13.16
C LEU A 197 11.82 11.09 12.95
N LEU A 198 12.01 10.35 14.06
CA LEU A 198 12.67 9.05 14.07
C LEU A 198 11.61 7.97 14.30
N PHE A 199 11.73 6.86 13.57
CA PHE A 199 10.98 5.66 13.85
C PHE A 199 11.78 4.41 13.47
N ARG A 200 11.43 3.28 14.10
CA ARG A 200 12.04 1.99 13.83
C ARG A 200 11.00 1.01 13.28
N VAL A 201 11.42 0.23 12.27
CA VAL A 201 10.66 -0.95 11.81
C VAL A 201 11.58 -2.15 11.72
N ASN A 202 10.99 -3.34 11.69
CA ASN A 202 11.71 -4.61 11.70
C ASN A 202 12.40 -4.90 10.37
N ASN A 203 13.35 -5.84 10.40
CA ASN A 203 14.12 -6.23 9.23
C ASN A 203 13.43 -7.36 8.46
N GLN A 204 12.28 -7.04 7.87
CA GLN A 204 11.53 -7.96 7.05
C GLN A 204 11.10 -7.25 5.77
N PRO A 205 11.00 -7.96 4.62
CA PRO A 205 10.47 -7.37 3.39
C PRO A 205 9.13 -6.67 3.64
N GLY A 206 9.02 -5.42 3.17
CA GLY A 206 7.79 -4.66 3.25
C GLY A 206 7.55 -3.88 4.53
N ALA A 207 8.46 -4.02 5.51
CA ALA A 207 8.28 -3.42 6.83
C ALA A 207 8.16 -1.91 6.70
N LEU A 208 9.10 -1.30 5.97
CA LEU A 208 9.09 0.13 5.69
C LEU A 208 7.89 0.50 4.82
N TYR A 209 7.69 -0.29 3.75
CA TYR A 209 6.60 -0.12 2.80
C TYR A 209 5.24 0.04 3.48
N LYS A 210 4.94 -0.85 4.44
CA LYS A 210 3.70 -0.79 5.22
C LYS A 210 3.58 0.53 5.98
N ALA A 211 4.66 0.89 6.70
CA ALA A 211 4.73 2.11 7.49
C ALA A 211 4.43 3.38 6.68
N LEU A 212 4.71 3.31 5.37
CA LEU A 212 4.54 4.43 4.45
C LEU A 212 3.18 4.47 3.76
N GLY A 213 2.50 3.32 3.70
CA GLY A 213 1.18 3.21 3.07
C GLY A 213 0.21 4.29 3.54
N GLY A 214 0.14 4.49 4.86
CA GLY A 214 -0.68 5.49 5.49
C GLY A 214 -0.39 6.92 5.09
N LEU A 215 0.86 7.18 4.71
CA LEU A 215 1.29 8.49 4.25
C LEU A 215 0.79 8.75 2.84
N ALA A 216 0.96 7.76 1.96
CA ALA A 216 0.58 7.87 0.54
C ALA A 216 -0.91 8.11 0.32
N THR A 217 -1.75 7.26 0.91
CA THR A 217 -3.20 7.34 0.74
C THR A 217 -3.80 8.56 1.44
N ALA A 218 -3.09 9.09 2.46
CA ALA A 218 -3.48 10.30 3.17
C ALA A 218 -2.98 11.59 2.51
N GLY A 219 -2.27 11.46 1.38
CA GLY A 219 -1.78 12.59 0.61
C GLY A 219 -0.66 13.38 1.26
N VAL A 220 0.07 12.76 2.19
CA VAL A 220 1.17 13.41 2.90
C VAL A 220 2.50 13.16 2.17
N ASN A 221 3.18 14.24 1.78
CA ASN A 221 4.39 14.17 0.97
C ASN A 221 5.67 14.18 1.82
N MET A 222 6.52 13.17 1.61
CA MET A 222 7.85 13.09 2.25
C MET A 222 8.87 13.89 1.47
N THR A 223 9.72 14.63 2.18
CA THR A 223 10.79 15.41 1.58
C THR A 223 12.18 14.78 1.80
N ARG A 224 12.34 14.02 2.88
CA ARG A 224 13.56 13.28 3.17
C ARG A 224 13.30 11.98 3.91
N LEU A 225 14.17 10.99 3.65
CA LEU A 225 14.14 9.69 4.32
C LEU A 225 15.54 9.09 4.31
N GLU A 226 15.96 8.55 5.47
CA GLU A 226 17.32 8.04 5.65
C GLU A 226 17.39 6.96 6.74
N SER A 227 17.91 5.78 6.35
CA SER A 227 18.03 4.62 7.24
C SER A 227 19.35 4.63 8.01
N TYR A 228 19.33 3.98 9.19
CA TYR A 228 20.49 3.81 10.04
C TYR A 228 20.52 2.41 10.62
N MET A 229 21.73 1.86 10.77
CA MET A 229 21.95 0.59 11.47
C MET A 229 21.75 0.80 12.98
N LEU A 230 21.33 -0.28 13.66
CA LEU A 230 21.24 -0.31 15.11
C LEU A 230 22.46 -1.04 15.67
N GLU A 231 23.03 -0.48 16.74
CA GLU A 231 24.20 -1.03 17.41
C GLU A 231 23.89 -2.45 17.92
N GLY A 232 24.69 -3.42 17.46
CA GLY A 232 24.50 -4.82 17.75
C GLY A 232 23.32 -5.23 16.88
N SER A 233 22.19 -5.54 17.51
CA SER A 233 20.92 -5.75 16.81
C SER A 233 20.95 -5.58 15.27
N PHE A 234 20.84 -6.73 14.59
CA PHE A 234 20.67 -6.85 13.16
C PHE A 234 19.29 -7.51 13.08
N SER A 235 18.26 -6.71 13.33
CA SER A 235 16.87 -7.21 13.42
C SER A 235 15.83 -6.15 13.10
N ALA A 236 16.19 -4.88 13.34
CA ALA A 236 15.38 -3.73 12.98
C ALA A 236 16.25 -2.65 12.35
N THR A 237 15.60 -1.60 11.85
CA THR A 237 16.28 -0.47 11.22
C THR A 237 15.56 0.83 11.57
N GLN A 238 16.35 1.83 11.96
CA GLN A 238 15.84 3.14 12.35
C GLN A 238 15.83 4.04 11.13
N PHE A 239 14.88 4.97 11.10
CA PHE A 239 14.72 5.94 10.01
C PHE A 239 14.57 7.33 10.55
N LEU A 240 15.22 8.29 9.87
CA LEU A 240 14.92 9.70 10.00
C LEU A 240 14.07 10.07 8.79
N MET A 241 12.97 10.79 9.04
CA MET A 241 12.02 11.18 8.01
C MET A 241 11.63 12.64 8.19
N ASP A 242 11.76 13.41 7.07
CA ASP A 242 11.16 14.73 6.95
C ASP A 242 9.88 14.57 6.16
N VAL A 243 8.79 15.12 6.69
CA VAL A 243 7.49 15.09 6.05
C VAL A 243 6.82 16.45 6.19
N GLU A 244 6.07 16.85 5.15
CA GLU A 244 5.26 18.07 5.18
C GLU A 244 4.13 17.87 6.17
N GLY A 245 3.86 18.92 6.95
CA GLY A 245 2.78 18.94 7.92
C GLY A 245 3.19 19.18 9.36
N HIS A 246 2.19 19.14 10.25
CA HIS A 246 2.34 19.39 11.68
C HIS A 246 1.66 18.23 12.41
N PRO A 247 2.32 17.59 13.40
CA PRO A 247 1.80 16.34 13.99
C PRO A 247 0.48 16.47 14.77
N GLU A 248 0.09 17.70 15.14
CA GLU A 248 -1.18 17.98 15.81
C GLU A 248 -2.18 18.67 14.87
N ALA A 249 -2.13 18.32 13.58
CA ALA A 249 -3.00 18.90 12.56
C ALA A 249 -3.07 17.97 11.34
N PRO A 250 -4.25 17.82 10.70
CA PRO A 250 -4.35 17.00 9.49
C PRO A 250 -3.63 17.65 8.31
N PRO A 251 -3.19 16.88 7.30
CA PRO A 251 -3.43 15.44 7.23
C PRO A 251 -2.39 14.54 7.94
N LEU A 252 -1.34 15.14 8.52
CA LEU A 252 -0.24 14.39 9.13
C LEU A 252 -0.63 13.66 10.40
N ALA A 253 -1.43 14.31 11.25
CA ALA A 253 -1.83 13.79 12.56
C ALA A 253 -2.30 12.32 12.50
N ARG A 254 -3.29 12.07 11.64
CA ARG A 254 -3.86 10.73 11.45
C ARG A 254 -2.88 9.77 10.77
N ALA A 255 -2.11 10.29 9.82
CA ALA A 255 -1.12 9.51 9.09
C ALA A 255 -0.05 8.93 10.01
N LEU A 256 0.32 9.70 11.05
CA LEU A 256 1.30 9.29 12.04
C LEU A 256 0.75 8.20 12.98
N ASP A 257 -0.54 8.29 13.31
CA ASP A 257 -1.22 7.26 14.10
C ASP A 257 -1.18 5.91 13.40
N GLU A 258 -1.33 5.91 12.07
CA GLU A 258 -1.22 4.71 11.26
C GLU A 258 0.22 4.20 11.21
N LEU A 259 1.16 5.12 10.98
CA LEU A 259 2.59 4.80 10.99
C LEU A 259 2.98 4.10 12.30
N SER A 260 2.38 4.53 13.41
CA SER A 260 2.64 3.96 14.74
C SER A 260 2.25 2.49 14.85
N PHE A 261 1.23 2.07 14.09
CA PHE A 261 0.80 0.67 14.05
C PHE A 261 1.83 -0.24 13.41
N PHE A 262 2.59 0.28 12.44
CA PHE A 262 3.59 -0.50 11.69
C PHE A 262 5.03 -0.25 12.10
N SER A 263 5.23 0.53 13.17
CA SER A 263 6.56 0.92 13.62
C SER A 263 6.67 0.95 15.15
N GLU A 264 7.89 1.18 15.64
CA GLU A 264 8.18 1.33 17.07
C GLU A 264 8.89 2.65 17.36
N GLN A 265 8.93 3.00 18.65
CA GLN A 265 9.71 4.13 19.17
C GLN A 265 9.72 5.36 18.27
N GLN A 266 8.51 5.79 17.87
CA GLN A 266 8.31 7.02 17.11
C GLN A 266 8.71 8.21 17.99
N GLU A 267 9.41 9.18 17.39
CA GLU A 267 9.90 10.34 18.13
C GLU A 267 9.99 11.55 17.20
N ILE A 268 9.40 12.67 17.64
CA ILE A 268 9.45 13.93 16.92
C ILE A 268 10.78 14.63 17.23
N LEU A 269 11.61 14.81 16.20
CA LEU A 269 12.89 15.51 16.31
C LEU A 269 12.73 17.02 16.12
N GLY A 270 11.66 17.41 15.41
CA GLY A 270 11.41 18.80 15.11
C GLY A 270 10.11 19.06 14.39
N VAL A 271 9.53 20.24 14.65
CA VAL A 271 8.37 20.76 13.94
C VAL A 271 8.70 22.22 13.67
N TYR A 272 8.80 22.58 12.38
CA TYR A 272 9.36 23.86 11.98
C TYR A 272 8.79 24.37 10.66
N PRO A 273 8.79 25.70 10.42
CA PRO A 273 8.35 26.26 9.14
C PRO A 273 9.15 25.74 7.95
N ALA A 274 8.45 25.42 6.86
CA ALA A 274 9.06 25.04 5.60
C ALA A 274 9.56 26.31 4.93
N SER A 275 10.84 26.30 4.54
CA SER A 275 11.49 27.46 3.95
C SER A 275 10.83 27.85 2.63
N PRO A 276 10.61 29.16 2.37
CA PRO A 276 10.12 29.63 1.09
C PRO A 276 10.96 29.20 -0.11
N PHE A 277 12.24 28.87 0.15
CA PHE A 277 13.16 28.35 -0.87
C PHE A 277 12.59 27.15 -1.64
N ARG A 278 11.76 26.34 -0.96
CA ARG A 278 11.11 25.17 -1.55
C ARG A 278 10.17 25.47 -2.72
N ARG A 279 9.76 26.74 -2.87
CA ARG A 279 8.79 27.19 -3.88
C ARG A 279 9.30 28.44 -4.61
N LYS A 280 10.63 28.48 -4.82
CA LYS A 280 11.31 29.61 -5.44
C LYS A 280 11.96 29.15 -6.74
N PRO A 281 11.72 29.83 -7.88
CA PRO A 281 12.45 29.54 -9.12
C PRO A 281 13.85 30.14 -9.09
N GLU B 4 47.88 -1.43 -6.91
CA GLU B 4 47.74 -2.92 -6.96
C GLU B 4 48.24 -3.53 -5.64
N ARG B 5 47.35 -4.30 -5.00
CA ARG B 5 47.51 -4.75 -3.60
C ARG B 5 47.63 -3.58 -2.59
N ILE B 6 47.20 -2.40 -3.04
CA ILE B 6 47.15 -1.19 -2.23
C ILE B 6 45.71 -0.75 -2.07
N ILE B 7 45.30 -0.49 -0.82
CA ILE B 7 43.96 -0.01 -0.50
C ILE B 7 44.05 1.37 0.15
N ALA B 8 43.41 2.36 -0.48
CA ALA B 8 43.36 3.73 0.02
C ALA B 8 42.31 3.84 1.10
N PHE B 9 42.57 4.69 2.09
CA PHE B 9 41.61 5.05 3.12
C PHE B 9 41.74 6.52 3.47
N GLN B 10 40.71 7.07 4.12
CA GLN B 10 40.67 8.44 4.57
C GLN B 10 41.07 8.50 6.05
N GLY B 11 41.97 9.42 6.37
CA GLY B 11 42.54 9.57 7.70
C GLY B 11 44.06 9.42 7.68
N ARG B 12 44.63 9.15 8.85
CA ARG B 12 46.07 9.01 9.04
C ARG B 12 46.40 7.63 9.59
N PRO B 13 47.66 7.15 9.51
CA PRO B 13 48.01 5.83 10.03
C PRO B 13 47.51 5.61 11.46
N GLY B 14 46.94 4.42 11.72
CA GLY B 14 46.38 4.07 13.02
C GLY B 14 44.93 4.47 13.22
N ALA B 15 44.32 5.11 12.22
CA ALA B 15 42.90 5.41 12.22
C ALA B 15 42.15 4.09 12.05
N TYR B 16 40.92 4.07 12.56
CA TYR B 16 40.07 2.89 12.51
C TYR B 16 39.83 2.44 11.06
N SER B 17 39.77 3.40 10.14
CA SER B 17 39.72 3.13 8.71
C SER B 17 40.94 2.34 8.23
N ASP B 18 42.11 2.67 8.79
CA ASP B 18 43.37 1.95 8.54
C ASP B 18 43.25 0.51 9.03
N LEU B 19 42.75 0.35 10.25
CA LEU B 19 42.51 -0.97 10.85
C LEU B 19 41.51 -1.79 10.03
N ALA B 20 40.47 -1.12 9.53
CA ALA B 20 39.46 -1.73 8.66
C ALA B 20 40.12 -2.37 7.43
N CYS B 21 41.04 -1.63 6.80
CA CYS B 21 41.76 -2.09 5.61
C CYS B 21 42.54 -3.36 5.90
N ARG B 22 43.20 -3.40 7.06
CA ARG B 22 44.04 -4.52 7.48
C ARG B 22 43.21 -5.72 7.92
N GLN B 23 42.02 -5.44 8.48
CA GLN B 23 41.02 -6.46 8.78
C GLN B 23 40.45 -7.09 7.52
N ALA B 24 39.98 -6.26 6.58
CA ALA B 24 39.29 -6.73 5.38
C ALA B 24 40.21 -7.21 4.26
N ARG B 25 41.47 -6.77 4.29
CA ARG B 25 42.46 -7.13 3.27
C ARG B 25 43.83 -7.27 3.94
N PRO B 26 44.06 -8.34 4.73
CA PRO B 26 45.34 -8.51 5.43
C PRO B 26 46.49 -8.69 4.46
N GLY B 27 47.63 -8.03 4.75
CA GLY B 27 48.82 -8.08 3.92
C GLY B 27 48.92 -6.97 2.90
N TRP B 28 47.79 -6.31 2.61
CA TRP B 28 47.74 -5.19 1.67
C TRP B 28 48.34 -3.96 2.31
N THR B 29 49.18 -3.24 1.56
CA THR B 29 49.67 -1.93 1.97
C THR B 29 48.50 -0.94 1.94
N THR B 30 48.33 -0.20 3.03
CA THR B 30 47.27 0.80 3.12
C THR B 30 47.83 2.19 2.79
N LEU B 31 47.06 2.97 2.03
CA LEU B 31 47.47 4.29 1.55
C LEU B 31 46.67 5.39 2.22
N PRO B 32 47.22 6.07 3.26
CA PRO B 32 46.52 7.18 3.91
C PRO B 32 46.29 8.36 2.97
N CYS B 33 45.09 8.93 3.02
CA CYS B 33 44.71 10.13 2.28
C CYS B 33 43.96 11.02 3.25
N GLN B 34 44.18 12.34 3.17
CA GLN B 34 43.61 13.28 4.13
C GLN B 34 42.13 13.56 3.87
N THR B 35 41.74 13.51 2.59
CA THR B 35 40.38 13.83 2.15
C THR B 35 39.72 12.63 1.49
N PHE B 36 38.38 12.60 1.50
CA PHE B 36 37.59 11.55 0.85
C PHE B 36 37.80 11.60 -0.67
N ALA B 37 37.85 12.81 -1.23
CA ALA B 37 38.11 13.04 -2.65
C ALA B 37 39.45 12.47 -3.10
N GLN B 38 40.48 12.61 -2.25
CA GLN B 38 41.80 12.03 -2.51
C GLN B 38 41.77 10.50 -2.46
N THR B 39 40.98 9.95 -1.53
CA THR B 39 40.81 8.50 -1.39
C THR B 39 40.25 7.87 -2.67
N ILE B 40 39.23 8.50 -3.25
CA ILE B 40 38.61 8.07 -4.51
C ILE B 40 39.56 8.27 -5.67
N ALA B 41 40.25 9.43 -5.67
CA ALA B 41 41.21 9.81 -6.71
C ALA B 41 42.34 8.79 -6.84
N ALA B 42 42.78 8.25 -5.69
CA ALA B 42 43.83 7.24 -5.64
C ALA B 42 43.48 5.99 -6.45
N VAL B 43 42.21 5.57 -6.37
CA VAL B 43 41.70 4.42 -7.11
C VAL B 43 41.50 4.76 -8.58
N HIS B 44 40.96 5.95 -8.85
CA HIS B 44 40.71 6.41 -10.22
C HIS B 44 42.00 6.53 -11.02
N ASP B 45 43.06 7.03 -10.37
CA ASP B 45 44.36 7.30 -11.02
C ASP B 45 45.26 6.07 -11.11
N GLY B 46 44.93 5.00 -10.38
CA GLY B 46 45.69 3.77 -10.39
C GLY B 46 46.71 3.65 -9.28
N ARG B 47 46.71 4.61 -8.37
CA ARG B 47 47.60 4.64 -7.20
C ARG B 47 47.16 3.63 -6.12
N ALA B 48 45.92 3.14 -6.23
CA ALA B 48 45.37 2.10 -5.36
C ALA B 48 44.37 1.23 -6.12
N GLU B 49 44.29 -0.05 -5.73
CA GLU B 49 43.33 -1.00 -6.31
C GLU B 49 41.94 -0.75 -5.74
N LEU B 50 41.86 -0.66 -4.41
CA LEU B 50 40.62 -0.47 -3.68
C LEU B 50 40.61 0.80 -2.85
N ALA B 51 39.41 1.20 -2.43
CA ALA B 51 39.21 2.28 -1.46
C ALA B 51 38.26 1.80 -0.37
N MET B 52 38.64 2.05 0.89
CA MET B 52 37.81 1.77 2.05
C MET B 52 37.10 3.07 2.42
N LEU B 53 35.79 3.11 2.19
CA LEU B 53 34.96 4.30 2.38
C LEU B 53 33.92 4.02 3.44
N ALA B 54 33.93 4.82 4.51
CA ALA B 54 32.93 4.74 5.56
C ALA B 54 31.59 5.13 4.97
N CYS B 55 30.52 4.40 5.37
CA CYS B 55 29.16 4.69 4.89
C CYS B 55 28.11 4.80 6.00
N GLU B 56 28.28 4.04 7.09
CA GLU B 56 27.34 4.04 8.20
C GLU B 56 28.00 3.82 9.55
N ASN B 57 27.42 4.45 10.58
CA ASN B 57 27.79 4.27 11.98
C ASN B 57 26.56 4.12 12.86
N SER B 58 26.58 3.12 13.74
CA SER B 58 25.45 2.81 14.60
C SER B 58 25.15 3.90 15.63
N LEU B 59 26.18 4.62 16.07
CA LEU B 59 26.03 5.72 17.04
C LEU B 59 26.26 7.09 16.37
N ALA B 60 27.48 7.29 15.88
CA ALA B 60 27.90 8.57 15.29
C ALA B 60 29.19 8.39 14.53
N GLY B 61 29.46 9.34 13.63
CA GLY B 61 30.66 9.33 12.80
C GLY B 61 30.55 10.30 11.64
N ARG B 62 31.69 10.54 10.98
CA ARG B 62 31.76 11.34 9.76
C ARG B 62 31.82 10.40 8.57
N VAL B 63 30.79 10.45 7.72
CA VAL B 63 30.73 9.67 6.49
C VAL B 63 30.58 10.57 5.28
N PRO B 64 31.29 10.28 4.16
CA PRO B 64 31.18 11.07 2.94
C PRO B 64 29.86 10.82 2.18
N ASP B 65 29.45 11.82 1.40
CA ASP B 65 28.32 11.72 0.49
C ASP B 65 28.82 11.22 -0.87
N ILE B 66 28.58 9.93 -1.14
CA ILE B 66 29.09 9.22 -2.31
C ILE B 66 28.15 9.21 -3.50
N HIS B 67 26.94 9.77 -3.34
CA HIS B 67 25.84 9.57 -4.28
C HIS B 67 26.14 10.11 -5.69
N ALA B 68 26.88 11.22 -5.75
CA ALA B 68 27.32 11.84 -6.99
C ALA B 68 28.78 11.52 -7.29
N LEU B 69 29.65 11.71 -6.29
CA LEU B 69 31.10 11.60 -6.45
C LEU B 69 31.60 10.21 -6.86
N LEU B 70 30.97 9.16 -6.34
CA LEU B 70 31.39 7.77 -6.63
C LEU B 70 31.14 7.34 -8.08
N PRO B 71 29.90 7.46 -8.62
CA PRO B 71 29.67 7.15 -10.04
C PRO B 71 30.48 8.05 -10.99
N GLU B 72 30.65 9.32 -10.63
CA GLU B 72 31.44 10.26 -11.42
C GLU B 72 32.92 9.98 -11.17
N ALA B 73 33.67 9.64 -12.22
CA ALA B 73 35.03 9.08 -12.11
C ALA B 73 35.02 7.56 -11.86
N GLY B 74 33.83 6.96 -11.93
CA GLY B 74 33.64 5.57 -12.35
C GLY B 74 34.08 4.47 -11.44
N LEU B 75 33.90 4.65 -10.13
CA LEU B 75 34.11 3.59 -9.14
C LEU B 75 32.86 2.70 -9.03
N PHE B 76 33.00 1.59 -8.30
CA PHE B 76 31.97 0.56 -8.21
C PHE B 76 32.19 -0.24 -6.94
N ILE B 77 31.14 -0.36 -6.11
CA ILE B 77 31.23 -1.03 -4.82
C ILE B 77 31.35 -2.54 -5.04
N VAL B 78 32.52 -3.11 -4.69
CA VAL B 78 32.83 -4.52 -4.87
C VAL B 78 32.85 -5.32 -3.55
N GLY B 79 32.58 -4.64 -2.44
CA GLY B 79 32.58 -5.27 -1.13
C GLY B 79 32.09 -4.33 -0.04
N GLU B 80 31.85 -4.91 1.15
CA GLU B 80 31.52 -4.15 2.34
C GLU B 80 32.30 -4.73 3.51
N HIS B 81 32.38 -3.97 4.60
CA HIS B 81 33.07 -4.41 5.80
C HIS B 81 32.48 -3.76 7.04
N PHE B 82 32.32 -4.57 8.10
CA PHE B 82 31.82 -4.12 9.39
C PHE B 82 32.96 -4.17 10.42
N GLN B 83 33.02 -3.12 11.25
CA GLN B 83 34.05 -2.99 12.29
C GLN B 83 33.41 -2.61 13.62
N ARG B 84 33.56 -3.47 14.64
CA ARG B 84 33.21 -3.11 16.01
C ARG B 84 34.39 -2.29 16.56
N VAL B 85 34.15 -0.97 16.70
CA VAL B 85 35.19 -0.02 17.10
C VAL B 85 35.63 -0.31 18.53
N GLU B 86 36.93 -0.58 18.69
CA GLU B 86 37.54 -0.94 19.97
C GLU B 86 38.53 0.12 20.42
N HIS B 87 38.18 0.83 21.50
CA HIS B 87 38.98 1.91 22.07
C HIS B 87 40.00 1.37 23.06
N CYS B 88 41.27 1.75 22.86
CA CYS B 88 42.35 1.46 23.80
C CYS B 88 42.81 2.75 24.44
N LEU B 89 43.14 2.69 25.73
CA LEU B 89 43.78 3.78 26.45
C LEU B 89 45.30 3.62 26.25
N LEU B 90 45.91 4.61 25.59
CA LEU B 90 47.32 4.56 25.19
C LEU B 90 48.17 5.55 25.96
N GLY B 91 49.33 5.08 26.45
CA GLY B 91 50.31 5.87 27.15
C GLY B 91 51.69 5.66 26.57
N ILE B 92 52.66 6.45 27.04
CA ILE B 92 54.06 6.34 26.63
C ILE B 92 54.65 5.03 27.14
N PRO B 93 55.68 4.47 26.47
CA PRO B 93 56.32 3.22 26.91
C PRO B 93 56.51 2.98 28.38
N GLY B 94 56.99 3.95 29.18
CA GLY B 94 57.23 3.76 30.60
C GLY B 94 56.10 4.13 31.55
N SER B 95 54.95 4.56 30.99
CA SER B 95 53.84 5.08 31.74
C SER B 95 53.01 4.00 32.40
N THR B 96 52.13 4.42 33.31
CA THR B 96 51.12 3.56 33.95
C THR B 96 49.81 4.34 34.11
N LEU B 97 48.73 3.64 34.48
CA LEU B 97 47.42 4.24 34.66
C LEU B 97 47.42 5.37 35.69
N ALA B 98 48.19 5.18 36.76
CA ALA B 98 48.26 6.16 37.86
C ALA B 98 48.82 7.50 37.40
N ASP B 99 49.81 7.45 36.51
CA ASP B 99 50.45 8.65 35.95
C ASP B 99 49.48 9.55 35.18
N ALA B 100 48.54 8.92 34.46
CA ALA B 100 47.59 9.61 33.59
C ALA B 100 46.78 10.67 34.33
N ARG B 101 46.81 11.90 33.81
CA ARG B 101 46.04 13.04 34.33
C ARG B 101 45.09 13.61 33.28
N ARG B 102 45.60 13.77 32.04
CA ARG B 102 44.83 14.29 30.92
C ARG B 102 44.63 13.21 29.86
N ILE B 103 43.43 13.19 29.26
CA ILE B 103 43.03 12.19 28.28
C ILE B 103 42.65 12.86 26.96
N HIS B 104 43.28 12.43 25.86
CA HIS B 104 43.16 13.04 24.55
C HIS B 104 42.51 12.11 23.55
N THR B 105 41.44 12.59 22.91
CA THR B 105 40.74 11.83 21.86
C THR B 105 39.66 12.65 21.16
N HIS B 106 39.00 12.02 20.19
CA HIS B 106 37.93 12.63 19.40
C HIS B 106 36.70 12.88 20.29
N PRO B 107 35.97 14.00 20.09
CA PRO B 107 34.75 14.30 20.86
C PRO B 107 33.82 13.11 21.14
N VAL B 108 33.52 12.30 20.13
CA VAL B 108 32.59 11.18 20.23
C VAL B 108 33.19 10.08 21.13
N ALA B 109 34.45 9.74 20.88
CA ALA B 109 35.19 8.77 21.69
C ALA B 109 35.20 9.17 23.17
N MET B 110 35.40 10.46 23.43
CA MET B 110 35.43 11.01 24.79
C MET B 110 34.12 10.74 25.53
N ALA B 111 33.01 10.84 24.81
CA ALA B 111 31.68 10.53 25.36
C ALA B 111 31.56 9.04 25.69
N GLN B 112 32.03 8.18 24.77
CA GLN B 112 32.00 6.73 24.92
C GLN B 112 32.83 6.19 26.10
N VAL B 113 33.83 6.96 26.54
CA VAL B 113 34.74 6.54 27.62
C VAL B 113 34.62 7.40 28.89
N ARG B 114 33.43 7.96 29.14
CA ARG B 114 33.18 8.80 30.32
C ARG B 114 33.40 8.03 31.61
N GLY B 115 33.15 6.71 31.58
CA GLY B 115 33.35 5.83 32.72
C GLY B 115 34.77 5.80 33.26
N ILE B 116 35.74 5.62 32.35
CA ILE B 116 37.16 5.53 32.70
C ILE B 116 37.74 6.89 33.08
N ILE B 117 37.14 7.97 32.55
CA ILE B 117 37.50 9.35 32.90
C ILE B 117 37.17 9.63 34.37
N THR B 118 35.93 9.35 34.76
CA THR B 118 35.49 9.44 36.16
C THR B 118 36.23 8.46 37.07
N GLU B 119 36.44 7.24 36.58
CA GLU B 119 37.13 6.20 37.33
C GLU B 119 38.52 6.61 37.76
N LEU B 120 39.30 7.16 36.81
CA LEU B 120 40.69 7.59 37.06
C LEU B 120 40.82 9.09 37.37
N GLY B 121 39.69 9.79 37.42
CA GLY B 121 39.63 11.25 37.56
C GLY B 121 40.51 12.01 36.57
N LEU B 122 40.24 11.83 35.27
CA LEU B 122 41.04 12.39 34.20
C LEU B 122 40.43 13.69 33.69
N ASP B 123 41.29 14.54 33.11
CA ASP B 123 40.92 15.82 32.55
C ASP B 123 40.74 15.63 31.04
N PRO B 124 39.52 15.80 30.49
CA PRO B 124 39.29 15.59 29.06
C PRO B 124 39.90 16.71 28.21
N VAL B 125 40.69 16.31 27.19
CA VAL B 125 41.31 17.23 26.24
C VAL B 125 40.96 16.76 24.82
N VAL B 126 39.97 17.40 24.22
CA VAL B 126 39.42 16.96 22.93
C VAL B 126 40.33 17.34 21.75
N GLU B 127 40.72 16.32 20.97
CA GLU B 127 41.53 16.48 19.76
C GLU B 127 40.69 16.22 18.50
N PHE B 128 41.28 16.52 17.34
CA PHE B 128 40.59 16.40 16.05
C PHE B 128 40.15 14.97 15.75
N ASP B 129 41.09 14.02 15.90
CA ASP B 129 40.81 12.59 15.72
C ASP B 129 41.64 11.73 16.68
N THR B 130 41.36 10.42 16.66
CA THR B 130 41.99 9.47 17.58
C THR B 130 43.47 9.23 17.27
N ALA B 131 43.79 9.11 15.97
CA ALA B 131 45.14 8.86 15.49
C ALA B 131 46.08 10.00 15.84
N GLY B 132 45.58 11.23 15.71
CA GLY B 132 46.31 12.44 16.06
C GLY B 132 46.61 12.51 17.54
N ALA B 133 45.62 12.17 18.36
CA ALA B 133 45.76 12.10 19.81
C ALA B 133 46.86 11.12 20.21
N ALA B 134 46.96 10.00 19.49
CA ALA B 134 48.01 9.01 19.69
C ALA B 134 49.39 9.56 19.32
N GLU B 135 49.45 10.28 18.18
CA GLU B 135 50.66 10.91 17.68
C GLU B 135 51.17 12.01 18.63
N MET B 136 50.23 12.83 19.12
CA MET B 136 50.52 13.92 20.03
C MET B 136 51.07 13.43 21.36
N VAL B 137 50.45 12.38 21.92
CA VAL B 137 50.90 11.77 23.17
C VAL B 137 52.32 11.21 23.05
N ARG B 138 52.63 10.61 21.88
CA ARG B 138 53.98 10.16 21.55
C ARG B 138 54.95 11.35 21.47
N GLU B 139 54.57 12.38 20.72
CA GLU B 139 55.39 13.57 20.49
C GLU B 139 55.75 14.29 21.78
N TRP B 140 54.74 14.52 22.63
CA TRP B 140 54.92 15.23 23.89
C TRP B 140 55.79 14.51 24.93
N GLY B 141 55.76 13.18 24.95
CA GLY B 141 56.58 12.40 25.85
C GLY B 141 56.23 12.49 27.32
N ARG B 142 55.07 13.07 27.62
CA ARG B 142 54.56 13.23 28.99
C ARG B 142 53.66 12.07 29.43
N LYS B 143 54.08 11.39 30.51
CA LYS B 143 53.32 10.30 31.13
C LYS B 143 51.96 10.76 31.68
N GLU B 144 51.81 12.07 31.89
CA GLU B 144 50.57 12.67 32.36
C GLU B 144 49.48 12.62 31.29
N ASP B 145 49.88 12.66 30.02
CA ASP B 145 48.99 12.60 28.88
C ASP B 145 48.85 11.18 28.36
N VAL B 146 47.60 10.74 28.19
CA VAL B 146 47.26 9.48 27.54
C VAL B 146 46.27 9.76 26.41
N ALA B 147 46.19 8.82 25.46
CA ALA B 147 45.26 8.90 24.34
C ALA B 147 44.25 7.78 24.39
N VAL B 148 43.08 8.02 23.78
CA VAL B 148 42.13 6.96 23.43
C VAL B 148 42.15 6.83 21.91
N ALA B 149 42.57 5.66 21.43
CA ALA B 149 42.69 5.39 20.00
C ALA B 149 42.74 3.87 19.74
N SER B 150 42.88 3.48 18.47
CA SER B 150 42.96 2.08 18.08
C SER B 150 44.25 1.44 18.59
N ALA B 151 44.21 0.11 18.73
CA ALA B 151 45.38 -0.69 19.09
C ALA B 151 46.47 -0.57 18.02
N LEU B 152 46.05 -0.35 16.77
CA LEU B 152 46.96 -0.13 15.66
C LEU B 152 47.73 1.19 15.81
N ALA B 153 47.02 2.23 16.29
CA ALA B 153 47.61 3.55 16.52
C ALA B 153 48.74 3.46 17.56
N ALA B 154 48.55 2.60 18.58
CA ALA B 154 49.56 2.31 19.59
C ALA B 154 50.80 1.66 18.98
N GLU B 155 50.59 0.64 18.15
CA GLU B 155 51.66 -0.11 17.48
C GLU B 155 52.50 0.81 16.60
N LEU B 156 51.82 1.58 15.73
CA LEU B 156 52.47 2.45 14.77
C LEU B 156 53.23 3.63 15.40
N ASN B 157 52.80 4.04 16.60
CA ASN B 157 53.43 5.13 17.35
C ASN B 157 54.25 4.68 18.57
N GLY B 158 54.39 3.36 18.73
CA GLY B 158 55.17 2.76 19.80
C GLY B 158 54.69 3.07 21.21
N LEU B 159 53.38 3.32 21.35
CA LEU B 159 52.75 3.56 22.64
C LEU B 159 52.34 2.22 23.25
N GLU B 160 52.20 2.20 24.57
CA GLU B 160 51.74 1.03 25.32
C GLU B 160 50.23 1.11 25.51
N ILE B 161 49.58 -0.05 25.47
CA ILE B 161 48.15 -0.15 25.75
C ILE B 161 48.00 -0.32 27.26
N LEU B 162 47.42 0.70 27.91
CA LEU B 162 47.20 0.72 29.35
C LEU B 162 45.92 -0.05 29.72
N ARG B 163 44.97 -0.11 28.79
CA ARG B 163 43.74 -0.89 28.93
C ARG B 163 43.06 -1.04 27.57
N ARG B 164 42.73 -2.28 27.20
CA ARG B 164 41.90 -2.56 26.03
C ARG B 164 40.42 -2.49 26.42
N ASN B 165 39.56 -2.25 25.43
CA ASN B 165 38.10 -2.19 25.59
C ASN B 165 37.68 -1.22 26.71
N VAL B 166 37.83 0.08 26.45
CA VAL B 166 37.49 1.11 27.44
C VAL B 166 36.05 1.62 27.30
N GLU B 167 35.39 1.28 26.18
CA GLU B 167 33.99 1.64 25.97
C GLU B 167 33.17 1.13 27.14
N ASP B 168 32.26 1.98 27.63
CA ASP B 168 31.37 1.65 28.74
C ASP B 168 30.25 0.69 28.31
N ALA B 169 29.90 0.73 27.02
CA ALA B 169 29.16 -0.36 26.36
C ALA B 169 29.71 -0.57 24.95
N THR B 170 29.15 -1.55 24.22
CA THR B 170 29.52 -1.78 22.81
C THR B 170 29.55 -0.51 21.96
N HIS B 171 28.62 0.41 22.24
CA HIS B 171 28.48 1.70 21.58
C HIS B 171 28.51 1.81 20.04
N ASN B 172 29.68 1.65 19.40
CA ASN B 172 29.79 2.00 17.98
C ASN B 172 30.32 0.92 17.06
N THR B 173 29.60 0.71 15.95
CA THR B 173 30.00 -0.17 14.85
C THR B 173 30.02 0.69 13.60
N THR B 174 31.03 0.50 12.75
CA THR B 174 31.18 1.25 11.52
C THR B 174 31.12 0.31 10.34
N ARG B 175 30.31 0.68 9.34
CA ARG B 175 30.17 -0.09 8.10
C ARG B 175 30.86 0.70 7.00
N PHE B 176 31.52 -0.03 6.09
CA PHE B 176 32.26 0.57 4.98
C PHE B 176 31.84 -0.07 3.66
N TYR B 177 31.83 0.74 2.60
CA TYR B 177 31.83 0.25 1.23
C TYR B 177 33.30 0.09 0.82
N ILE B 178 33.58 -0.96 0.03
CA ILE B 178 34.89 -1.18 -0.57
C ILE B 178 34.71 -1.03 -2.08
N ALA B 179 35.33 0.02 -2.63
CA ALA B 179 35.14 0.43 -4.02
C ALA B 179 36.41 0.20 -4.83
N SER B 180 36.21 -0.24 -6.08
CA SER B 180 37.29 -0.38 -7.05
C SER B 180 36.88 0.36 -8.31
N ARG B 181 37.79 0.40 -9.29
CA ARG B 181 37.50 0.90 -10.62
C ARG B 181 36.45 -0.03 -11.22
N ARG B 182 35.47 0.56 -11.92
CA ARG B 182 34.35 -0.20 -12.47
C ARG B 182 34.84 -1.40 -13.27
N PRO B 183 34.45 -2.65 -12.89
CA PRO B 183 34.87 -3.83 -13.63
C PRO B 183 34.04 -4.02 -14.90
N ALA B 184 34.58 -4.80 -15.85
CA ALA B 184 33.98 -4.97 -17.17
C ALA B 184 32.60 -5.61 -17.10
N THR B 185 32.49 -6.67 -16.29
CA THR B 185 31.25 -7.42 -16.05
C THR B 185 30.93 -7.51 -14.56
N LEU B 186 29.67 -7.84 -14.25
CA LEU B 186 29.22 -8.03 -12.87
C LEU B 186 29.64 -9.42 -12.39
N PRO B 187 29.77 -9.63 -11.07
CA PRO B 187 29.98 -10.98 -10.54
C PRO B 187 28.87 -11.92 -11.00
N PRO B 188 29.16 -13.21 -11.30
CA PRO B 188 28.15 -14.10 -11.87
C PRO B 188 27.01 -14.38 -10.89
N PRO B 189 25.76 -14.48 -11.37
CA PRO B 189 24.61 -14.73 -10.51
C PRO B 189 24.83 -15.83 -9.48
N GLY B 190 24.35 -15.61 -8.25
CA GLY B 190 24.48 -16.56 -7.16
C GLY B 190 23.92 -16.03 -5.85
N PRO B 191 23.85 -16.87 -4.80
CA PRO B 191 23.33 -16.44 -3.51
C PRO B 191 24.35 -15.64 -2.71
N GLY B 192 23.88 -14.95 -1.66
CA GLY B 192 24.72 -14.24 -0.72
C GLY B 192 25.21 -12.86 -1.16
N PHE B 193 24.68 -12.35 -2.27
CA PHE B 193 25.07 -11.06 -2.83
C PHE B 193 24.20 -9.92 -2.30
N MET B 194 24.78 -8.72 -2.30
CA MET B 194 24.09 -7.47 -2.04
C MET B 194 24.19 -6.59 -3.27
N THR B 195 23.25 -5.66 -3.41
CA THR B 195 23.23 -4.71 -4.51
C THR B 195 22.97 -3.31 -3.98
N THR B 196 23.82 -2.36 -4.37
CA THR B 196 23.61 -0.94 -4.08
C THR B 196 23.31 -0.23 -5.39
N LEU B 197 22.25 0.59 -5.41
CA LEU B 197 21.84 1.32 -6.60
C LEU B 197 21.28 2.72 -6.30
N LEU B 198 21.27 3.57 -7.36
CA LEU B 198 20.61 4.85 -7.37
C LEU B 198 19.36 4.78 -8.22
N PHE B 199 18.29 5.44 -7.77
CA PHE B 199 17.10 5.68 -8.57
C PHE B 199 16.42 6.98 -8.14
N ARG B 200 15.63 7.55 -9.06
CA ARG B 200 14.89 8.80 -8.84
C ARG B 200 13.39 8.53 -8.99
N VAL B 201 12.59 9.13 -8.08
CA VAL B 201 11.14 9.20 -8.22
C VAL B 201 10.66 10.63 -7.99
N ASN B 202 9.44 10.92 -8.44
CA ASN B 202 8.85 12.24 -8.37
C ASN B 202 8.45 12.64 -6.96
N ASN B 203 8.23 13.93 -6.76
CA ASN B 203 7.86 14.49 -5.46
C ASN B 203 6.34 14.53 -5.28
N GLN B 204 5.75 13.33 -5.18
CA GLN B 204 4.31 13.17 -4.94
C GLN B 204 4.15 12.11 -3.87
N PRO B 205 3.10 12.17 -3.02
CA PRO B 205 2.94 11.24 -1.89
C PRO B 205 3.43 9.79 -1.93
N GLY B 206 2.86 8.90 -2.75
CA GLY B 206 3.24 7.50 -2.73
C GLY B 206 4.30 7.10 -3.74
N ALA B 207 5.07 8.09 -4.23
CA ALA B 207 6.00 7.88 -5.35
C ALA B 207 7.03 6.84 -4.97
N LEU B 208 7.65 7.00 -3.79
CA LEU B 208 8.60 6.04 -3.25
C LEU B 208 7.92 4.71 -2.94
N TYR B 209 6.76 4.79 -2.27
CA TYR B 209 5.93 3.64 -1.91
C TYR B 209 5.69 2.69 -3.08
N LYS B 210 5.29 3.25 -4.23
CA LYS B 210 5.06 2.48 -5.46
C LYS B 210 6.32 1.75 -5.90
N ALA B 211 7.43 2.51 -5.96
CA ALA B 211 8.74 1.99 -6.37
C ALA B 211 9.20 0.79 -5.54
N LEU B 212 8.72 0.72 -4.28
CA LEU B 212 9.08 -0.32 -3.34
C LEU B 212 8.15 -1.54 -3.36
N GLY B 213 6.92 -1.34 -3.85
CA GLY B 213 5.92 -2.39 -3.96
C GLY B 213 6.43 -3.71 -4.51
N GLY B 214 7.16 -3.64 -5.62
CA GLY B 214 7.76 -4.81 -6.25
C GLY B 214 8.77 -5.56 -5.39
N LEU B 215 9.40 -4.84 -4.47
CA LEU B 215 10.36 -5.44 -3.53
C LEU B 215 9.62 -6.22 -2.44
N ALA B 216 8.56 -5.61 -1.90
CA ALA B 216 7.79 -6.18 -0.79
C ALA B 216 7.11 -7.51 -1.15
N THR B 217 6.34 -7.50 -2.26
CA THR B 217 5.59 -8.67 -2.68
C THR B 217 6.50 -9.79 -3.21
N ALA B 218 7.72 -9.42 -3.64
CA ALA B 218 8.72 -10.38 -4.10
C ALA B 218 9.60 -10.94 -2.95
N GLY B 219 9.34 -10.49 -1.72
CA GLY B 219 10.06 -10.95 -0.54
C GLY B 219 11.52 -10.50 -0.46
N VAL B 220 11.87 -9.41 -1.14
CA VAL B 220 13.22 -8.89 -1.18
C VAL B 220 13.44 -7.86 -0.06
N ASN B 221 14.44 -8.10 0.78
CA ASN B 221 14.72 -7.29 1.96
C ASN B 221 15.73 -6.18 1.69
N MET B 222 15.34 -4.93 2.00
CA MET B 222 16.21 -3.76 1.92
C MET B 222 17.00 -3.63 3.20
N THR B 223 18.30 -3.31 3.06
CA THR B 223 19.19 -3.13 4.21
C THR B 223 19.54 -1.66 4.47
N ARG B 224 19.49 -0.84 3.40
CA ARG B 224 19.71 0.60 3.51
C ARG B 224 18.90 1.37 2.49
N LEU B 225 18.51 2.60 2.87
CA LEU B 225 17.84 3.55 1.99
C LEU B 225 18.14 4.98 2.47
N GLU B 226 18.46 5.86 1.52
CA GLU B 226 18.81 7.25 1.81
C GLU B 226 18.49 8.19 0.65
N SER B 227 17.72 9.25 0.97
CA SER B 227 17.29 10.25 -0.01
C SER B 227 18.31 11.39 -0.16
N TYR B 228 18.29 12.03 -1.34
CA TYR B 228 19.12 13.18 -1.66
C TYR B 228 18.32 14.21 -2.45
N MET B 229 18.63 15.49 -2.20
CA MET B 229 18.08 16.59 -2.98
C MET B 229 18.68 16.61 -4.38
N LEU B 230 17.90 17.13 -5.33
CA LEU B 230 18.37 17.40 -6.69
C LEU B 230 18.64 18.90 -6.80
N GLU B 231 19.77 19.25 -7.43
CA GLU B 231 20.19 20.64 -7.58
C GLU B 231 19.15 21.42 -8.38
N GLY B 232 18.62 22.49 -7.76
CA GLY B 232 17.67 23.39 -8.39
C GLY B 232 16.31 22.82 -8.78
N SER B 233 15.95 21.65 -8.20
CA SER B 233 14.68 21.00 -8.46
C SER B 233 14.16 20.38 -7.16
N PHE B 234 12.96 20.78 -6.75
CA PHE B 234 12.20 20.07 -5.70
C PHE B 234 11.10 19.16 -6.25
N SER B 235 11.17 18.83 -7.55
CA SER B 235 10.12 18.10 -8.24
C SER B 235 10.34 16.59 -8.18
N ALA B 236 11.58 16.14 -8.01
CA ALA B 236 11.91 14.73 -7.83
C ALA B 236 12.94 14.57 -6.71
N THR B 237 13.21 13.31 -6.34
CA THR B 237 14.16 12.97 -5.27
C THR B 237 14.92 11.70 -5.63
N GLN B 238 16.25 11.74 -5.46
CA GLN B 238 17.11 10.60 -5.74
C GLN B 238 17.30 9.77 -4.48
N PHE B 239 17.48 8.46 -4.66
CA PHE B 239 17.68 7.52 -3.56
C PHE B 239 18.87 6.62 -3.80
N LEU B 240 19.64 6.36 -2.74
CA LEU B 240 20.61 5.28 -2.70
C LEU B 240 19.97 4.17 -1.90
N MET B 241 20.03 2.95 -2.43
CA MET B 241 19.39 1.78 -1.83
C MET B 241 20.34 0.59 -1.84
N ASP B 242 20.51 -0.03 -0.66
CA ASP B 242 21.12 -1.35 -0.53
C ASP B 242 19.99 -2.36 -0.39
N VAL B 243 20.04 -3.41 -1.22
CA VAL B 243 19.10 -4.50 -1.17
C VAL B 243 19.83 -5.84 -1.29
N GLU B 244 19.33 -6.85 -0.57
CA GLU B 244 19.82 -8.22 -0.69
C GLU B 244 19.47 -8.76 -2.07
N GLY B 245 20.44 -9.47 -2.68
CA GLY B 245 20.26 -10.09 -3.98
C GLY B 245 21.26 -9.63 -5.04
N HIS B 246 21.10 -10.18 -6.25
CA HIS B 246 21.93 -9.92 -7.41
C HIS B 246 21.00 -9.54 -8.56
N PRO B 247 21.27 -8.43 -9.29
CA PRO B 247 20.31 -7.90 -10.27
C PRO B 247 19.99 -8.80 -11.47
N GLU B 248 20.87 -9.78 -11.74
CA GLU B 248 20.68 -10.77 -12.81
C GLU B 248 20.30 -12.15 -12.26
N ALA B 249 19.56 -12.17 -11.15
CA ALA B 249 19.13 -13.41 -10.50
C ALA B 249 17.92 -13.15 -9.61
N PRO B 250 16.90 -14.03 -9.60
CA PRO B 250 15.73 -13.84 -8.73
C PRO B 250 16.09 -14.04 -7.27
N PRO B 251 15.34 -13.43 -6.31
CA PRO B 251 14.11 -12.69 -6.61
C PRO B 251 14.28 -11.20 -6.94
N LEU B 252 15.52 -10.69 -6.90
CA LEU B 252 15.80 -9.26 -7.12
C LEU B 252 15.55 -8.83 -8.56
N ALA B 253 15.97 -9.66 -9.52
CA ALA B 253 15.89 -9.35 -10.95
C ALA B 253 14.52 -8.80 -11.37
N ARG B 254 13.46 -9.55 -11.05
CA ARG B 254 12.08 -9.16 -11.38
C ARG B 254 11.62 -7.94 -10.58
N ALA B 255 12.02 -7.87 -9.30
CA ALA B 255 11.67 -6.77 -8.42
C ALA B 255 12.19 -5.44 -8.94
N LEU B 256 13.39 -5.47 -9.54
CA LEU B 256 14.02 -4.28 -10.12
C LEU B 256 13.34 -3.82 -11.40
N ASP B 257 12.85 -4.79 -12.21
CA ASP B 257 12.05 -4.48 -13.40
C ASP B 257 10.79 -3.69 -13.04
N GLU B 258 10.15 -4.06 -11.93
CA GLU B 258 8.98 -3.35 -11.42
C GLU B 258 9.36 -1.96 -10.92
N LEU B 259 10.43 -1.90 -10.12
CA LEU B 259 10.97 -0.63 -9.63
C LEU B 259 11.21 0.36 -10.78
N SER B 260 11.72 -0.16 -11.90
CA SER B 260 12.00 0.64 -13.10
C SER B 260 10.76 1.32 -13.69
N PHE B 261 9.60 0.67 -13.54
CA PHE B 261 8.33 1.19 -14.03
C PHE B 261 7.87 2.42 -13.25
N PHE B 262 8.21 2.47 -11.97
CA PHE B 262 7.79 3.54 -11.06
C PHE B 262 8.88 4.54 -10.71
N SER B 263 10.02 4.45 -11.40
CA SER B 263 11.19 5.31 -11.14
C SER B 263 11.91 5.68 -12.44
N GLU B 264 12.92 6.55 -12.32
CA GLU B 264 13.76 6.97 -13.44
C GLU B 264 15.24 6.74 -13.13
N GLN B 265 16.04 6.77 -14.20
CA GLN B 265 17.50 6.76 -14.14
C GLN B 265 18.08 5.83 -13.08
N GLN B 266 17.63 4.57 -13.12
CA GLN B 266 18.16 3.52 -12.26
C GLN B 266 19.62 3.26 -12.64
N GLU B 267 20.47 3.06 -11.63
CA GLU B 267 21.90 2.85 -11.82
C GLU B 267 22.50 1.97 -10.73
N ILE B 268 23.19 0.91 -11.12
CA ILE B 268 23.83 -0.03 -10.20
C ILE B 268 25.18 0.55 -9.77
N LEU B 269 25.32 0.83 -8.48
CA LEU B 269 26.58 1.32 -7.89
C LEU B 269 27.51 0.20 -7.48
N GLY B 270 26.94 -0.99 -7.23
CA GLY B 270 27.71 -2.12 -6.77
C GLY B 270 26.90 -3.40 -6.65
N VAL B 271 27.57 -4.53 -6.88
CA VAL B 271 27.05 -5.86 -6.63
C VAL B 271 28.19 -6.62 -5.96
N TYR B 272 27.98 -7.03 -4.70
CA TYR B 272 29.06 -7.52 -3.85
C TYR B 272 28.59 -8.54 -2.82
N PRO B 273 29.47 -9.44 -2.34
CA PRO B 273 29.12 -10.38 -1.27
C PRO B 273 28.65 -9.70 0.01
N ALA B 274 27.58 -10.25 0.61
CA ALA B 274 27.07 -9.81 1.90
C ALA B 274 27.98 -10.38 2.96
N SER B 275 28.47 -9.52 3.85
CA SER B 275 29.42 -9.90 4.89
C SER B 275 28.79 -10.91 5.86
N PRO B 276 29.53 -11.97 6.26
CA PRO B 276 29.06 -12.88 7.30
C PRO B 276 28.67 -12.20 8.62
N PHE B 277 29.20 -11.00 8.86
CA PHE B 277 28.87 -10.19 10.04
C PHE B 277 27.37 -9.96 10.20
N ARG B 278 26.64 -9.93 9.08
CA ARG B 278 25.19 -9.75 9.08
C ARG B 278 24.39 -10.87 9.76
N ARG B 279 25.03 -12.04 9.96
CA ARG B 279 24.39 -13.24 10.49
C ARG B 279 25.26 -13.83 11.63
N LYS B 280 25.87 -12.93 12.40
CA LYS B 280 26.77 -13.27 13.50
C LYS B 280 26.15 -12.76 14.81
N PRO B 281 25.96 -13.63 15.83
CA PRO B 281 25.52 -13.16 17.14
C PRO B 281 26.66 -12.50 17.93
N ARG C 5 -29.62 -34.23 11.85
CA ARG C 5 -29.41 -34.97 10.57
C ARG C 5 -30.33 -34.49 9.43
N ILE C 6 -30.83 -33.26 9.59
CA ILE C 6 -31.70 -32.62 8.60
C ILE C 6 -30.98 -31.38 8.04
N ILE C 7 -30.92 -31.29 6.71
CA ILE C 7 -30.31 -30.15 6.02
C ILE C 7 -31.36 -29.44 5.18
N ALA C 8 -31.58 -28.15 5.47
CA ALA C 8 -32.52 -27.31 4.74
C ALA C 8 -31.89 -26.83 3.44
N PHE C 9 -32.73 -26.69 2.41
CA PHE C 9 -32.34 -26.09 1.14
C PHE C 9 -33.50 -25.26 0.59
N GLN C 10 -33.17 -24.38 -0.35
CA GLN C 10 -34.15 -23.53 -1.03
C GLN C 10 -34.51 -24.17 -2.36
N GLY C 11 -35.82 -24.23 -2.62
CA GLY C 11 -36.39 -24.87 -3.80
C GLY C 11 -37.35 -25.96 -3.40
N ARG C 12 -37.63 -26.85 -4.37
CA ARG C 12 -38.54 -27.97 -4.19
C ARG C 12 -37.78 -29.27 -4.44
N PRO C 13 -38.31 -30.44 -4.01
CA PRO C 13 -37.59 -31.71 -4.19
C PRO C 13 -37.11 -31.89 -5.63
N GLY C 14 -35.87 -32.34 -5.79
CA GLY C 14 -35.24 -32.53 -7.08
C GLY C 14 -34.51 -31.32 -7.63
N ALA C 15 -34.51 -30.23 -6.88
CA ALA C 15 -33.70 -29.05 -7.20
C ALA C 15 -32.23 -29.40 -7.05
N TYR C 16 -31.37 -28.71 -7.80
CA TYR C 16 -29.93 -28.98 -7.74
C TYR C 16 -29.36 -28.77 -6.33
N SER C 17 -29.97 -27.81 -5.61
CA SER C 17 -29.72 -27.59 -4.18
C SER C 17 -30.01 -28.85 -3.36
N ASP C 18 -31.09 -29.56 -3.71
CA ASP C 18 -31.48 -30.82 -3.08
C ASP C 18 -30.39 -31.88 -3.36
N LEU C 19 -29.96 -31.98 -4.62
CA LEU C 19 -28.89 -32.88 -5.04
C LEU C 19 -27.57 -32.57 -4.31
N ALA C 20 -27.29 -31.27 -4.16
CA ALA C 20 -26.11 -30.81 -3.43
C ALA C 20 -26.10 -31.33 -2.00
N CYS C 21 -27.25 -31.27 -1.32
CA CYS C 21 -27.39 -31.75 0.05
C CYS C 21 -27.06 -33.24 0.16
N ARG C 22 -27.55 -34.02 -0.81
CA ARG C 22 -27.37 -35.47 -0.85
C ARG C 22 -25.94 -35.85 -1.23
N GLN C 23 -25.33 -35.03 -2.09
CA GLN C 23 -23.90 -35.09 -2.39
C GLN C 23 -23.25 -34.35 -1.25
N ALA C 24 -22.61 -35.07 -0.33
CA ALA C 24 -21.79 -34.47 0.72
C ALA C 24 -22.60 -33.94 1.93
N ARG C 25 -23.83 -34.45 2.09
CA ARG C 25 -24.30 -35.07 3.35
C ARG C 25 -25.19 -36.26 3.01
N PRO C 26 -24.63 -37.38 2.49
CA PRO C 26 -25.43 -38.54 2.12
C PRO C 26 -26.11 -39.16 3.34
N GLY C 27 -27.38 -39.56 3.18
CA GLY C 27 -28.16 -40.16 4.24
C GLY C 27 -28.99 -39.18 5.06
N TRP C 28 -28.64 -37.89 4.98
CA TRP C 28 -29.37 -36.83 5.67
C TRP C 28 -30.68 -36.54 4.94
N THR C 29 -31.75 -36.41 5.70
CA THR C 29 -33.04 -35.98 5.16
C THR C 29 -32.92 -34.51 4.80
N THR C 30 -33.34 -34.16 3.59
CA THR C 30 -33.31 -32.79 3.10
C THR C 30 -34.68 -32.16 3.29
N LEU C 31 -34.68 -30.89 3.73
CA LEU C 31 -35.88 -30.14 4.07
C LEU C 31 -36.12 -29.02 3.07
N PRO C 32 -37.03 -29.20 2.08
CA PRO C 32 -37.34 -28.14 1.12
C PRO C 32 -37.97 -26.92 1.79
N CYS C 33 -37.53 -25.74 1.38
CA CYS C 33 -38.08 -24.46 1.81
C CYS C 33 -38.24 -23.61 0.56
N GLN C 34 -39.33 -22.85 0.48
CA GLN C 34 -39.66 -22.09 -0.73
C GLN C 34 -38.82 -20.82 -0.86
N THR C 35 -38.45 -20.23 0.28
CA THR C 35 -37.70 -18.98 0.34
C THR C 35 -36.35 -19.19 1.01
N PHE C 36 -35.40 -18.31 0.68
CA PHE C 36 -34.07 -18.34 1.28
C PHE C 36 -34.12 -18.00 2.76
N ALA C 37 -34.98 -17.02 3.10
CA ALA C 37 -35.25 -16.64 4.50
C ALA C 37 -35.76 -17.81 5.35
N GLN C 38 -36.64 -18.64 4.77
CA GLN C 38 -37.14 -19.84 5.42
C GLN C 38 -36.05 -20.88 5.61
N THR C 39 -35.15 -21.01 4.63
CA THR C 39 -34.01 -21.93 4.69
C THR C 39 -33.11 -21.62 5.90
N ILE C 40 -32.80 -20.33 6.09
CA ILE C 40 -31.99 -19.86 7.23
C ILE C 40 -32.76 -20.03 8.55
N ALA C 41 -34.06 -19.70 8.50
CA ALA C 41 -34.95 -19.78 9.65
C ALA C 41 -35.05 -21.20 10.21
N ALA C 42 -35.03 -22.19 9.32
CA ALA C 42 -35.07 -23.60 9.68
C ALA C 42 -33.91 -23.99 10.59
N VAL C 43 -32.72 -23.46 10.30
CA VAL C 43 -31.52 -23.72 11.09
C VAL C 43 -31.53 -22.92 12.39
N HIS C 44 -31.98 -21.66 12.32
CA HIS C 44 -32.10 -20.79 13.49
C HIS C 44 -33.07 -21.34 14.53
N ASP C 45 -34.19 -21.90 14.06
CA ASP C 45 -35.26 -22.41 14.92
C ASP C 45 -35.02 -23.83 15.46
N GLY C 46 -34.06 -24.55 14.86
CA GLY C 46 -33.72 -25.92 15.24
C GLY C 46 -34.44 -26.98 14.43
N ARG C 47 -35.18 -26.56 13.39
CA ARG C 47 -35.87 -27.46 12.47
C ARG C 47 -34.92 -28.16 11.49
N ALA C 48 -33.68 -27.65 11.42
CA ALA C 48 -32.60 -28.25 10.64
C ALA C 48 -31.25 -27.99 11.29
N GLU C 49 -30.31 -28.93 11.12
CA GLU C 49 -28.95 -28.80 11.62
C GLU C 49 -28.16 -27.85 10.71
N LEU C 50 -28.22 -28.11 9.40
CA LEU C 50 -27.50 -27.36 8.38
C LEU C 50 -28.41 -26.71 7.37
N ALA C 51 -27.85 -25.76 6.60
CA ALA C 51 -28.51 -25.14 5.46
C ALA C 51 -27.54 -25.14 4.27
N MET C 52 -28.04 -25.57 3.10
CA MET C 52 -27.29 -25.54 1.85
C MET C 52 -27.70 -24.27 1.11
N LEU C 53 -26.78 -23.31 1.01
CA LEU C 53 -27.01 -22.01 0.39
C LEU C 53 -26.09 -21.86 -0.82
N ALA C 54 -26.67 -21.64 -2.00
CA ALA C 54 -25.92 -21.32 -3.20
C ALA C 54 -25.23 -19.97 -3.01
N CYS C 55 -23.98 -19.86 -3.48
CA CYS C 55 -23.22 -18.60 -3.36
C CYS C 55 -22.56 -18.11 -4.66
N GLU C 56 -22.14 -19.04 -5.52
CA GLU C 56 -21.41 -18.69 -6.76
C GLU C 56 -21.66 -19.67 -7.90
N ASN C 57 -21.62 -19.14 -9.14
CA ASN C 57 -21.77 -19.91 -10.37
C ASN C 57 -20.75 -19.47 -11.41
N SER C 58 -20.10 -20.45 -12.06
CA SER C 58 -19.05 -20.19 -13.04
C SER C 58 -19.57 -19.50 -14.31
N LEU C 59 -20.83 -19.76 -14.68
CA LEU C 59 -21.45 -19.18 -15.87
C LEU C 59 -22.54 -18.18 -15.50
N ALA C 60 -23.58 -18.67 -14.83
CA ALA C 60 -24.73 -17.85 -14.44
C ALA C 60 -25.57 -18.59 -13.41
N GLY C 61 -26.42 -17.83 -12.69
CA GLY C 61 -27.30 -18.41 -11.69
C GLY C 61 -27.91 -17.41 -10.75
N ARG C 62 -28.94 -17.87 -10.02
CA ARG C 62 -29.62 -17.09 -9.01
C ARG C 62 -29.10 -17.53 -7.63
N VAL C 63 -28.46 -16.59 -6.93
CA VAL C 63 -27.91 -16.82 -5.60
C VAL C 63 -28.50 -15.81 -4.61
N PRO C 64 -28.80 -16.22 -3.35
CA PRO C 64 -29.28 -15.28 -2.34
C PRO C 64 -28.18 -14.37 -1.77
N ASP C 65 -28.59 -13.21 -1.25
CA ASP C 65 -27.72 -12.27 -0.58
C ASP C 65 -27.69 -12.60 0.92
N ILE C 66 -26.60 -13.22 1.36
CA ILE C 66 -26.45 -13.73 2.74
C ILE C 66 -25.83 -12.74 3.73
N HIS C 67 -25.40 -11.57 3.22
CA HIS C 67 -24.49 -10.68 3.94
C HIS C 67 -25.06 -10.15 5.24
N ALA C 68 -26.38 -9.91 5.26
CA ALA C 68 -27.09 -9.44 6.44
C ALA C 68 -27.85 -10.58 7.14
N LEU C 69 -28.61 -11.34 6.35
CA LEU C 69 -29.51 -12.36 6.89
C LEU C 69 -28.82 -13.50 7.62
N LEU C 70 -27.64 -13.92 7.15
CA LEU C 70 -26.90 -15.03 7.75
C LEU C 70 -26.34 -14.72 9.15
N PRO C 71 -25.57 -13.63 9.36
CA PRO C 71 -25.13 -13.26 10.71
C PRO C 71 -26.28 -12.94 11.66
N GLU C 72 -27.36 -12.33 11.14
CA GLU C 72 -28.56 -12.05 11.93
C GLU C 72 -29.35 -13.36 12.13
N ALA C 73 -29.53 -13.76 13.38
CA ALA C 73 -30.01 -15.12 13.73
C ALA C 73 -28.87 -16.16 13.78
N GLY C 74 -27.63 -15.69 13.61
CA GLY C 74 -26.45 -16.32 14.17
C GLY C 74 -25.97 -17.63 13.59
N LEU C 75 -26.08 -17.77 12.26
CA LEU C 75 -25.53 -18.92 11.54
C LEU C 75 -24.03 -18.68 11.25
N PHE C 76 -23.36 -19.73 10.76
CA PHE C 76 -21.91 -19.78 10.64
C PHE C 76 -21.54 -20.84 9.60
N ILE C 77 -20.77 -20.44 8.58
CA ILE C 77 -20.39 -21.31 7.46
C ILE C 77 -19.40 -22.36 7.95
N VAL C 78 -19.84 -23.63 7.96
CA VAL C 78 -19.03 -24.77 8.42
C VAL C 78 -18.52 -25.66 7.29
N GLY C 79 -18.86 -25.31 6.05
CA GLY C 79 -18.44 -26.08 4.88
C GLY C 79 -18.79 -25.39 3.59
N GLU C 80 -18.23 -25.92 2.49
CA GLU C 80 -18.56 -25.52 1.14
C GLU C 80 -18.72 -26.76 0.30
N HIS C 81 -19.34 -26.61 -0.88
CA HIS C 81 -19.50 -27.69 -1.82
C HIS C 81 -19.56 -27.17 -3.26
N PHE C 82 -18.88 -27.87 -4.16
CA PHE C 82 -18.89 -27.59 -5.59
C PHE C 82 -19.67 -28.68 -6.33
N GLN C 83 -20.51 -28.26 -7.29
CA GLN C 83 -21.42 -29.15 -8.02
C GLN C 83 -21.35 -28.88 -9.52
N ARG C 84 -20.99 -29.91 -10.29
CA ARG C 84 -21.07 -29.88 -11.73
C ARG C 84 -22.53 -30.14 -12.13
N VAL C 85 -23.21 -29.09 -12.57
CA VAL C 85 -24.63 -29.15 -12.92
C VAL C 85 -24.85 -30.06 -14.13
N GLU C 86 -25.65 -31.11 -13.96
CA GLU C 86 -25.99 -32.05 -15.04
C GLU C 86 -27.48 -31.97 -15.40
N HIS C 87 -27.78 -31.46 -16.58
CA HIS C 87 -29.14 -31.29 -17.08
C HIS C 87 -29.65 -32.55 -17.78
N CYS C 88 -30.82 -33.03 -17.36
CA CYS C 88 -31.53 -34.11 -18.02
C CYS C 88 -32.80 -33.58 -18.66
N LEU C 89 -33.14 -34.11 -19.85
CA LEU C 89 -34.42 -33.86 -20.49
C LEU C 89 -35.41 -34.89 -19.97
N LEU C 90 -36.46 -34.40 -19.28
CA LEU C 90 -37.43 -35.26 -18.59
C LEU C 90 -38.82 -35.22 -19.23
N GLY C 91 -39.42 -36.41 -19.39
CA GLY C 91 -40.74 -36.57 -19.97
C GLY C 91 -41.60 -37.47 -19.11
N ILE C 92 -42.91 -37.49 -19.40
CA ILE C 92 -43.88 -38.20 -18.59
C ILE C 92 -43.71 -39.71 -18.81
N PRO C 93 -44.10 -40.56 -17.84
CA PRO C 93 -44.15 -42.01 -18.08
C PRO C 93 -44.83 -42.38 -19.42
N GLY C 94 -44.07 -43.05 -20.28
CA GLY C 94 -44.54 -43.48 -21.59
C GLY C 94 -44.27 -42.54 -22.74
N SER C 95 -43.55 -41.44 -22.47
CA SER C 95 -43.13 -40.48 -23.51
C SER C 95 -41.99 -41.03 -24.36
N THR C 96 -41.74 -40.30 -25.46
CA THR C 96 -40.53 -40.43 -26.29
C THR C 96 -40.08 -39.03 -26.72
N LEU C 97 -38.87 -38.96 -27.27
CA LEU C 97 -38.29 -37.70 -27.77
C LEU C 97 -39.16 -37.05 -28.84
N ALA C 98 -39.73 -37.89 -29.71
CA ALA C 98 -40.59 -37.50 -30.81
C ALA C 98 -41.82 -36.73 -30.35
N ASP C 99 -42.43 -37.17 -29.25
CA ASP C 99 -43.62 -36.54 -28.68
C ASP C 99 -43.38 -35.10 -28.25
N ALA C 100 -42.19 -34.83 -27.70
CA ALA C 100 -41.83 -33.52 -27.14
C ALA C 100 -41.99 -32.39 -28.16
N ARG C 101 -42.76 -31.36 -27.77
CA ARG C 101 -42.97 -30.14 -28.55
C ARG C 101 -42.52 -28.90 -27.80
N ARG C 102 -42.88 -28.83 -26.51
CA ARG C 102 -42.54 -27.70 -25.64
C ARG C 102 -41.58 -28.14 -24.54
N ILE C 103 -40.62 -27.27 -24.21
CA ILE C 103 -39.56 -27.55 -23.24
C ILE C 103 -39.59 -26.51 -22.12
N HIS C 104 -39.66 -27.00 -20.87
CA HIS C 104 -39.87 -26.18 -19.68
C HIS C 104 -38.67 -26.24 -18.75
N THR C 105 -38.13 -25.06 -18.40
CA THR C 105 -37.02 -24.97 -17.46
C THR C 105 -36.69 -23.53 -17.08
N HIS C 106 -35.69 -23.38 -16.20
CA HIS C 106 -35.22 -22.08 -15.72
C HIS C 106 -34.58 -21.29 -16.85
N PRO C 107 -34.74 -19.95 -16.89
CA PRO C 107 -34.09 -19.11 -17.89
C PRO C 107 -32.64 -19.46 -18.27
N VAL C 108 -31.80 -19.67 -17.26
CA VAL C 108 -30.37 -19.94 -17.45
C VAL C 108 -30.17 -21.31 -18.12
N ALA C 109 -30.87 -22.33 -17.59
CA ALA C 109 -30.85 -23.67 -18.15
C ALA C 109 -31.25 -23.68 -19.62
N MET C 110 -32.29 -22.90 -19.95
CA MET C 110 -32.81 -22.78 -21.32
C MET C 110 -31.72 -22.31 -22.29
N ALA C 111 -30.88 -21.37 -21.82
CA ALA C 111 -29.74 -20.87 -22.59
C ALA C 111 -28.70 -21.98 -22.81
N GLN C 112 -28.40 -22.71 -21.74
CA GLN C 112 -27.42 -23.80 -21.76
C GLN C 112 -27.80 -24.98 -22.69
N VAL C 113 -29.09 -25.14 -22.98
CA VAL C 113 -29.59 -26.25 -23.80
C VAL C 113 -30.20 -25.80 -25.14
N ARG C 114 -29.71 -24.69 -25.68
CA ARG C 114 -30.18 -24.15 -26.96
C ARG C 114 -29.97 -25.15 -28.12
N GLY C 115 -28.90 -25.95 -28.01
CA GLY C 115 -28.57 -26.96 -28.99
C GLY C 115 -29.66 -28.02 -29.21
N ILE C 116 -30.15 -28.58 -28.10
CA ILE C 116 -31.17 -29.63 -28.13
C ILE C 116 -32.55 -29.08 -28.50
N ILE C 117 -32.78 -27.79 -28.21
CA ILE C 117 -34.01 -27.08 -28.61
C ILE C 117 -34.08 -26.99 -30.13
N THR C 118 -33.02 -26.47 -30.77
CA THR C 118 -32.90 -26.42 -32.21
C THR C 118 -32.88 -27.82 -32.85
N GLU C 119 -32.15 -28.75 -32.22
CA GLU C 119 -32.03 -30.12 -32.70
C GLU C 119 -33.38 -30.80 -32.86
N LEU C 120 -34.23 -30.70 -31.83
CA LEU C 120 -35.55 -31.33 -31.82
C LEU C 120 -36.69 -30.39 -32.23
N GLY C 121 -36.34 -29.14 -32.59
CA GLY C 121 -37.29 -28.08 -32.88
C GLY C 121 -38.35 -27.89 -31.81
N LEU C 122 -37.91 -27.58 -30.58
CA LEU C 122 -38.79 -27.44 -29.43
C LEU C 122 -39.13 -25.98 -29.19
N ASP C 123 -40.27 -25.77 -28.53
CA ASP C 123 -40.79 -24.44 -28.20
C ASP C 123 -40.40 -24.14 -26.76
N PRO C 124 -39.55 -23.13 -26.51
CA PRO C 124 -39.12 -22.82 -25.14
C PRO C 124 -40.22 -22.19 -24.30
N VAL C 125 -40.45 -22.76 -23.11
CA VAL C 125 -41.42 -22.26 -22.14
C VAL C 125 -40.70 -22.09 -20.79
N VAL C 126 -40.33 -20.84 -20.48
CA VAL C 126 -39.52 -20.54 -19.30
C VAL C 126 -40.34 -20.59 -18.00
N GLU C 127 -39.88 -21.42 -17.05
CA GLU C 127 -40.47 -21.56 -15.72
C GLU C 127 -39.58 -20.96 -14.64
N PHE C 128 -40.12 -20.86 -13.41
CA PHE C 128 -39.42 -20.24 -12.29
C PHE C 128 -38.11 -20.96 -11.96
N ASP C 129 -38.16 -22.29 -11.81
CA ASP C 129 -36.98 -23.13 -11.57
C ASP C 129 -37.12 -24.50 -12.23
N THR C 130 -36.05 -25.31 -12.16
CA THR C 130 -35.99 -26.61 -12.81
C THR C 130 -36.89 -27.66 -12.15
N ALA C 131 -36.91 -27.67 -10.82
CA ALA C 131 -37.71 -28.62 -10.04
C ALA C 131 -39.19 -28.43 -10.28
N GLY C 132 -39.61 -27.16 -10.37
CA GLY C 132 -40.99 -26.80 -10.68
C GLY C 132 -41.42 -27.26 -12.05
N ALA C 133 -40.52 -27.06 -13.04
CA ALA C 133 -40.73 -27.51 -14.41
C ALA C 133 -40.95 -29.02 -14.47
N ALA C 134 -40.21 -29.77 -13.62
CA ALA C 134 -40.35 -31.21 -13.51
C ALA C 134 -41.71 -31.60 -12.90
N GLU C 135 -42.12 -30.85 -11.86
CA GLU C 135 -43.38 -31.05 -11.16
C GLU C 135 -44.58 -30.73 -12.07
N MET C 136 -44.46 -29.63 -12.83
CA MET C 136 -45.49 -29.19 -13.76
C MET C 136 -45.71 -30.18 -14.89
N VAL C 137 -44.62 -30.70 -15.46
CA VAL C 137 -44.68 -31.70 -16.52
C VAL C 137 -45.39 -32.98 -16.04
N ARG C 138 -45.10 -33.37 -14.79
CA ARG C 138 -45.80 -34.48 -14.15
C ARG C 138 -47.29 -34.18 -13.97
N GLU C 139 -47.59 -33.01 -13.40
CA GLU C 139 -48.96 -32.57 -13.12
C GLU C 139 -49.84 -32.53 -14.37
N TRP C 140 -49.32 -31.91 -15.44
CA TRP C 140 -50.04 -31.75 -16.69
C TRP C 140 -50.35 -33.04 -17.44
N GLY C 141 -49.45 -34.04 -17.33
CA GLY C 141 -49.66 -35.33 -17.95
C GLY C 141 -49.59 -35.35 -19.46
N ARG C 142 -49.09 -34.25 -20.05
CA ARG C 142 -48.93 -34.11 -21.50
C ARG C 142 -47.55 -34.52 -21.99
N LYS C 143 -47.52 -35.54 -22.86
CA LYS C 143 -46.30 -36.01 -23.53
C LYS C 143 -45.65 -34.96 -24.42
N GLU C 144 -46.42 -33.94 -24.80
CA GLU C 144 -45.93 -32.82 -25.61
C GLU C 144 -44.97 -31.93 -24.80
N ASP C 145 -45.18 -31.87 -23.48
CA ASP C 145 -44.35 -31.09 -22.57
C ASP C 145 -43.26 -31.97 -21.95
N VAL C 146 -42.02 -31.47 -22.01
CA VAL C 146 -40.87 -32.06 -21.34
C VAL C 146 -40.21 -30.99 -20.49
N ALA C 147 -39.43 -31.42 -19.49
CA ALA C 147 -38.69 -30.54 -18.60
C ALA C 147 -37.18 -30.75 -18.77
N VAL C 148 -36.41 -29.71 -18.45
CA VAL C 148 -34.97 -29.81 -18.21
C VAL C 148 -34.75 -29.59 -16.73
N ALA C 149 -34.24 -30.63 -16.04
CA ALA C 149 -34.02 -30.63 -14.61
C ALA C 149 -33.05 -31.75 -14.23
N SER C 150 -32.75 -31.87 -12.92
CA SER C 150 -31.82 -32.89 -12.41
C SER C 150 -32.41 -34.30 -12.58
N ALA C 151 -31.52 -35.30 -12.60
CA ALA C 151 -31.90 -36.71 -12.61
C ALA C 151 -32.67 -37.09 -11.35
N LEU C 152 -32.37 -36.39 -10.24
CA LEU C 152 -33.08 -36.54 -8.98
C LEU C 152 -34.54 -36.10 -9.10
N ALA C 153 -34.76 -35.00 -9.84
CA ALA C 153 -36.10 -34.45 -10.08
C ALA C 153 -36.97 -35.43 -10.81
N ALA C 154 -36.37 -36.19 -11.75
CA ALA C 154 -37.04 -37.25 -12.50
C ALA C 154 -37.47 -38.38 -11.57
N GLU C 155 -36.56 -38.82 -10.71
CA GLU C 155 -36.81 -39.90 -9.76
C GLU C 155 -37.96 -39.55 -8.81
N LEU C 156 -37.86 -38.38 -8.18
CA LEU C 156 -38.82 -37.92 -7.18
C LEU C 156 -40.20 -37.63 -7.74
N ASN C 157 -40.28 -37.30 -9.03
CA ASN C 157 -41.55 -37.02 -9.72
C ASN C 157 -41.99 -38.12 -10.70
N GLY C 158 -41.26 -39.25 -10.70
CA GLY C 158 -41.59 -40.40 -11.53
C GLY C 158 -41.55 -40.17 -13.03
N LEU C 159 -40.75 -39.19 -13.47
CA LEU C 159 -40.56 -38.90 -14.89
C LEU C 159 -39.46 -39.79 -15.45
N GLU C 160 -39.47 -39.99 -16.76
CA GLU C 160 -38.43 -40.71 -17.47
C GLU C 160 -37.37 -39.73 -17.98
N ILE C 161 -36.11 -40.18 -17.99
CA ILE C 161 -35.01 -39.42 -18.55
C ILE C 161 -34.94 -39.74 -20.05
N LEU C 162 -35.26 -38.74 -20.88
CA LEU C 162 -35.24 -38.87 -22.33
C LEU C 162 -33.82 -38.70 -22.90
N ARG C 163 -32.98 -37.96 -22.18
CA ARG C 163 -31.56 -37.80 -22.50
C ARG C 163 -30.81 -37.20 -21.32
N ARG C 164 -29.70 -37.84 -20.92
CA ARG C 164 -28.77 -37.28 -19.93
C ARG C 164 -27.76 -36.36 -20.61
N ASN C 165 -27.17 -35.45 -19.85
CA ASN C 165 -26.16 -34.49 -20.29
C ASN C 165 -26.55 -33.75 -21.55
N VAL C 166 -27.49 -32.80 -21.40
CA VAL C 166 -28.01 -32.02 -22.53
C VAL C 166 -27.25 -30.71 -22.76
N GLU C 167 -26.43 -30.30 -21.77
CA GLU C 167 -25.61 -29.10 -21.88
C GLU C 167 -24.79 -29.16 -23.15
N ASP C 168 -24.77 -28.05 -23.88
CA ASP C 168 -23.94 -27.91 -25.09
C ASP C 168 -22.48 -27.62 -24.68
N ALA C 169 -22.32 -27.00 -23.51
CA ALA C 169 -21.02 -26.62 -22.98
C ALA C 169 -20.28 -27.86 -22.47
N ASN C 172 -21.65 -25.31 -16.54
CA ASN C 172 -21.78 -24.53 -15.31
C ASN C 172 -21.46 -25.37 -14.07
N THR C 173 -20.74 -24.74 -13.14
CA THR C 173 -20.45 -25.29 -11.82
C THR C 173 -21.03 -24.33 -10.79
N THR C 174 -21.64 -24.88 -9.75
CA THR C 174 -22.25 -24.10 -8.69
C THR C 174 -21.53 -24.39 -7.38
N ARG C 175 -21.20 -23.33 -6.65
CA ARG C 175 -20.57 -23.41 -5.34
C ARG C 175 -21.60 -23.02 -4.29
N PHE C 176 -21.56 -23.73 -3.14
CA PHE C 176 -22.49 -23.52 -2.05
C PHE C 176 -21.72 -23.32 -0.75
N TYR C 177 -22.27 -22.47 0.13
CA TYR C 177 -21.91 -22.45 1.53
C TYR C 177 -22.82 -23.43 2.28
N ILE C 178 -22.26 -24.11 3.28
CA ILE C 178 -23.00 -24.97 4.18
C ILE C 178 -22.93 -24.33 5.56
N ALA C 179 -24.07 -23.86 6.05
CA ALA C 179 -24.17 -23.09 7.30
C ALA C 179 -24.88 -23.86 8.40
N SER C 180 -24.39 -23.74 9.62
CA SER C 180 -25.01 -24.29 10.82
C SER C 180 -25.19 -23.18 11.84
N ARG C 181 -25.81 -23.51 12.98
CA ARG C 181 -25.86 -22.60 14.12
C ARG C 181 -24.45 -22.38 14.61
N ARG C 182 -24.12 -21.15 14.99
CA ARG C 182 -22.80 -20.76 15.45
C ARG C 182 -22.27 -21.77 16.48
N PRO C 183 -21.13 -22.44 16.22
CA PRO C 183 -20.56 -23.40 17.16
C PRO C 183 -19.83 -22.72 18.32
N ALA C 184 -19.64 -23.48 19.40
CA ALA C 184 -18.68 -23.15 20.44
C ALA C 184 -17.28 -23.46 19.92
N THR C 185 -16.50 -22.39 19.78
CA THR C 185 -15.13 -22.37 19.26
C THR C 185 -15.06 -22.80 17.79
N LEU C 186 -13.98 -22.35 17.14
CA LEU C 186 -13.67 -22.66 15.77
C LEU C 186 -13.02 -24.04 15.70
N PRO C 187 -12.98 -24.69 14.51
CA PRO C 187 -12.16 -25.89 14.32
C PRO C 187 -10.70 -25.61 14.69
N PRO C 188 -9.96 -26.58 15.26
CA PRO C 188 -8.60 -26.31 15.73
C PRO C 188 -7.63 -25.97 14.59
N PRO C 189 -6.69 -25.02 14.83
CA PRO C 189 -5.75 -24.58 13.80
C PRO C 189 -5.14 -25.70 12.98
N GLY C 190 -5.03 -25.48 11.67
CA GLY C 190 -4.24 -26.32 10.78
C GLY C 190 -4.30 -25.84 9.34
N PRO C 191 -3.59 -26.51 8.40
CA PRO C 191 -3.67 -26.17 6.98
C PRO C 191 -4.94 -26.71 6.32
N GLY C 192 -5.25 -26.22 5.12
CA GLY C 192 -6.37 -26.70 4.32
C GLY C 192 -7.73 -26.10 4.66
N PHE C 193 -7.73 -25.10 5.55
CA PHE C 193 -8.95 -24.38 5.94
C PHE C 193 -9.18 -23.16 5.07
N MET C 194 -10.45 -22.75 4.98
CA MET C 194 -10.90 -21.50 4.37
C MET C 194 -11.57 -20.68 5.44
N THR C 195 -11.58 -19.35 5.24
CA THR C 195 -12.23 -18.42 6.15
C THR C 195 -13.06 -17.42 5.36
N THR C 196 -14.33 -17.26 5.76
CA THR C 196 -15.21 -16.25 5.21
C THR C 196 -15.48 -15.23 6.32
N LEU C 197 -15.36 -13.94 6.00
CA LEU C 197 -15.60 -12.87 6.97
C LEU C 197 -16.25 -11.63 6.39
N LEU C 198 -16.92 -10.88 7.28
CA LEU C 198 -17.55 -9.62 6.96
C LEU C 198 -16.75 -8.52 7.63
N PHE C 199 -16.53 -7.42 6.91
CA PHE C 199 -15.96 -6.21 7.50
C PHE C 199 -16.45 -4.99 6.76
N ARG C 200 -16.41 -3.86 7.46
CA ARG C 200 -16.81 -2.58 6.92
C ARG C 200 -15.62 -1.62 6.94
N VAL C 201 -15.46 -0.86 5.86
CA VAL C 201 -14.52 0.26 5.78
C VAL C 201 -15.25 1.48 5.27
N ASN C 202 -14.66 2.65 5.54
CA ASN C 202 -15.24 3.94 5.19
C ASN C 202 -15.17 4.22 3.70
N ASN C 203 -15.98 5.18 3.25
CA ASN C 203 -16.06 5.56 1.84
C ASN C 203 -15.04 6.64 1.48
N GLN C 204 -13.76 6.27 1.57
CA GLN C 204 -12.64 7.11 1.17
C GLN C 204 -11.69 6.31 0.29
N PRO C 205 -11.01 6.96 -0.69
CA PRO C 205 -10.01 6.29 -1.51
C PRO C 205 -8.98 5.54 -0.65
N GLY C 206 -8.74 4.28 -0.98
CA GLY C 206 -7.73 3.47 -0.33
C GLY C 206 -8.17 2.72 0.92
N ALA C 207 -9.42 2.96 1.35
CA ALA C 207 -9.94 2.38 2.58
C ALA C 207 -9.88 0.86 2.53
N LEU C 208 -10.39 0.28 1.43
CA LEU C 208 -10.33 -1.16 1.19
C LEU C 208 -8.88 -1.62 1.01
N TYR C 209 -8.13 -0.88 0.18
CA TYR C 209 -6.71 -1.14 -0.11
C TYR C 209 -5.89 -1.37 1.16
N LYS C 210 -6.05 -0.46 2.14
CA LYS C 210 -5.36 -0.55 3.42
C LYS C 210 -5.71 -1.85 4.15
N ALA C 211 -7.01 -2.12 4.24
CA ALA C 211 -7.54 -3.31 4.91
C ALA C 211 -6.98 -4.63 4.34
N LEU C 212 -6.57 -4.59 3.06
CA LEU C 212 -6.02 -5.75 2.33
C LEU C 212 -4.49 -5.88 2.42
N GLY C 213 -3.81 -4.77 2.73
CA GLY C 213 -2.35 -4.70 2.80
C GLY C 213 -1.71 -5.87 3.51
N GLY C 214 -2.23 -6.18 4.70
CA GLY C 214 -1.75 -7.26 5.55
C GLY C 214 -1.87 -8.65 4.90
N LEU C 215 -2.85 -8.81 4.01
CA LEU C 215 -3.05 -10.06 3.28
C LEU C 215 -2.00 -10.23 2.19
N ALA C 216 -1.76 -9.15 1.43
CA ALA C 216 -0.85 -9.17 0.28
C ALA C 216 0.60 -9.48 0.67
N THR C 217 1.14 -8.71 1.63
CA THR C 217 2.52 -8.86 2.07
C THR C 217 2.75 -10.17 2.83
N ALA C 218 1.67 -10.73 3.41
CA ALA C 218 1.74 -12.00 4.12
C ALA C 218 1.53 -13.21 3.21
N GLY C 219 1.33 -12.97 1.90
CA GLY C 219 1.16 -14.03 0.90
C GLY C 219 -0.12 -14.84 1.05
N VAL C 220 -1.16 -14.23 1.64
CA VAL C 220 -2.45 -14.86 1.86
C VAL C 220 -3.37 -14.59 0.66
N ASN C 221 -3.87 -15.66 0.05
CA ASN C 221 -4.61 -15.62 -1.20
C ASN C 221 -6.12 -15.57 -0.97
N MET C 222 -6.78 -14.55 -1.56
CA MET C 222 -8.22 -14.38 -1.54
C MET C 222 -8.84 -15.21 -2.66
N THR C 223 -9.96 -15.87 -2.35
CA THR C 223 -10.72 -16.65 -3.33
C THR C 223 -12.03 -15.97 -3.74
N ARG C 224 -12.58 -15.13 -2.85
CA ARG C 224 -13.76 -14.34 -3.13
C ARG C 224 -13.77 -13.00 -2.41
N LEU C 225 -14.37 -11.99 -3.04
CA LEU C 225 -14.57 -10.67 -2.45
C LEU C 225 -15.79 -10.01 -3.11
N GLU C 226 -16.66 -9.42 -2.27
CA GLU C 226 -17.91 -8.81 -2.73
C GLU C 226 -18.37 -7.68 -1.81
N SER C 227 -18.59 -6.50 -2.41
CA SER C 227 -19.05 -5.30 -1.71
C SER C 227 -20.57 -5.22 -1.64
N TYR C 228 -21.07 -4.51 -0.61
CA TYR C 228 -22.48 -4.29 -0.38
C TYR C 228 -22.74 -2.87 0.10
N MET C 229 -23.89 -2.33 -0.28
CA MET C 229 -24.38 -1.05 0.25
C MET C 229 -24.86 -1.26 1.68
N LEU C 230 -24.77 -0.19 2.48
CA LEU C 230 -25.34 -0.13 3.82
C LEU C 230 -26.65 0.65 3.75
N GLU C 231 -27.67 0.16 4.46
CA GLU C 231 -29.01 0.72 4.45
C GLU C 231 -28.99 2.17 4.93
N GLY C 232 -29.44 3.08 4.07
CA GLY C 232 -29.49 4.51 4.33
C GLY C 232 -28.19 5.25 4.64
N SER C 233 -27.04 4.66 4.27
CA SER C 233 -25.72 5.31 4.45
C SER C 233 -24.82 5.01 3.26
N PHE C 234 -24.29 6.05 2.60
CA PHE C 234 -23.21 5.88 1.63
C PHE C 234 -21.82 6.29 2.17
N SER C 235 -21.69 6.31 3.50
CA SER C 235 -20.48 6.77 4.17
C SER C 235 -19.46 5.63 4.38
N ALA C 236 -19.95 4.39 4.45
CA ALA C 236 -19.12 3.21 4.54
C ALA C 236 -19.64 2.11 3.60
N THR C 237 -18.85 1.04 3.47
CA THR C 237 -19.17 -0.09 2.59
C THR C 237 -18.76 -1.40 3.24
N GLN C 238 -19.66 -2.38 3.22
CA GLN C 238 -19.44 -3.69 3.80
C GLN C 238 -18.89 -4.63 2.75
N PHE C 239 -18.06 -5.58 3.20
CA PHE C 239 -17.47 -6.59 2.34
C PHE C 239 -17.62 -7.98 2.90
N LEU C 240 -17.91 -8.94 2.01
CA LEU C 240 -17.77 -10.36 2.30
C LEU C 240 -16.51 -10.82 1.60
N MET C 241 -15.66 -11.56 2.32
CA MET C 241 -14.37 -12.03 1.80
C MET C 241 -14.14 -13.49 2.19
N ASP C 242 -13.81 -14.31 1.16
CA ASP C 242 -13.28 -15.65 1.35
C ASP C 242 -11.78 -15.56 1.18
N VAL C 243 -11.05 -16.13 2.14
CA VAL C 243 -9.60 -16.21 2.09
C VAL C 243 -9.14 -17.57 2.57
N GLU C 244 -8.05 -18.07 1.95
CA GLU C 244 -7.40 -19.31 2.37
C GLU C 244 -6.77 -19.12 3.74
N GLY C 245 -6.93 -20.11 4.62
CA GLY C 245 -6.33 -20.08 5.95
C GLY C 245 -7.31 -20.21 7.10
N HIS C 246 -6.77 -20.13 8.32
CA HIS C 246 -7.50 -20.27 9.57
C HIS C 246 -7.15 -19.09 10.46
N PRO C 247 -8.13 -18.37 11.05
CA PRO C 247 -7.86 -17.12 11.76
C PRO C 247 -6.98 -17.21 13.01
N GLU C 248 -6.83 -18.42 13.58
CA GLU C 248 -5.98 -18.69 14.73
C GLU C 248 -4.71 -19.45 14.33
N ALA C 249 -4.21 -19.21 13.12
CA ALA C 249 -3.02 -19.86 12.60
C ALA C 249 -2.40 -19.01 11.49
N PRO C 250 -1.05 -18.88 11.42
CA PRO C 250 -0.42 -18.09 10.37
C PRO C 250 -0.54 -18.76 9.01
N PRO C 251 -0.48 -18.00 7.88
CA PRO C 251 -0.20 -16.56 7.91
C PRO C 251 -1.42 -15.63 8.04
N LEU C 252 -2.63 -16.22 8.12
CA LEU C 252 -3.88 -15.45 8.16
C LEU C 252 -4.04 -14.68 9.49
N ALA C 253 -3.67 -15.32 10.60
CA ALA C 253 -3.83 -14.78 11.94
C ALA C 253 -3.39 -13.33 12.07
N ARG C 254 -2.13 -13.07 11.69
CA ARG C 254 -1.54 -11.73 11.75
C ARG C 254 -2.17 -10.77 10.74
N ALA C 255 -2.49 -11.30 9.55
CA ALA C 255 -3.10 -10.51 8.48
C ALA C 255 -4.46 -9.94 8.91
N LEU C 256 -5.21 -10.73 9.69
CA LEU C 256 -6.52 -10.33 10.19
C LEU C 256 -6.44 -9.28 11.29
N ASP C 257 -5.40 -9.36 12.12
CA ASP C 257 -5.11 -8.34 13.14
C ASP C 257 -4.90 -6.97 12.50
N GLU C 258 -4.19 -6.96 11.36
CA GLU C 258 -3.96 -5.75 10.57
C GLU C 258 -5.25 -5.25 9.95
N LEU C 259 -6.01 -6.16 9.34
CA LEU C 259 -7.31 -5.85 8.75
C LEU C 259 -8.20 -5.14 9.75
N SER C 260 -8.17 -5.61 11.01
CA SER C 260 -8.97 -5.05 12.09
C SER C 260 -8.67 -3.57 12.38
N PHE C 261 -7.40 -3.18 12.18
CA PHE C 261 -6.94 -1.83 12.41
C PHE C 261 -7.52 -0.85 11.39
N PHE C 262 -7.74 -1.33 10.16
CA PHE C 262 -8.19 -0.53 9.03
C PHE C 262 -9.65 -0.72 8.66
N SER C 263 -10.40 -1.44 9.51
CA SER C 263 -11.80 -1.74 9.29
C SER C 263 -12.58 -1.68 10.59
N GLU C 264 -13.91 -1.81 10.48
CA GLU C 264 -14.82 -1.86 11.61
C GLU C 264 -15.67 -3.13 11.57
N GLN C 265 -16.28 -3.45 12.72
CA GLN C 265 -17.22 -4.55 12.88
C GLN C 265 -16.85 -5.79 12.07
N GLN C 266 -15.59 -6.24 12.26
CA GLN C 266 -15.08 -7.46 11.64
C GLN C 266 -15.82 -8.62 12.28
N GLU C 267 -16.19 -9.60 11.44
CA GLU C 267 -16.88 -10.79 11.90
C GLU C 267 -16.47 -11.97 11.05
N ILE C 268 -16.06 -13.05 11.73
CA ILE C 268 -15.80 -14.33 11.09
C ILE C 268 -17.16 -15.02 10.86
N LEU C 269 -17.51 -15.19 9.58
CA LEU C 269 -18.76 -15.78 9.16
C LEU C 269 -18.63 -17.29 9.03
N GLY C 270 -17.39 -17.78 8.87
CA GLY C 270 -17.11 -19.19 8.80
C GLY C 270 -15.64 -19.53 8.73
N VAL C 271 -15.30 -20.71 9.29
CA VAL C 271 -13.99 -21.32 9.16
C VAL C 271 -14.28 -22.79 8.85
N TYR C 272 -13.86 -23.22 7.66
CA TYR C 272 -14.28 -24.51 7.12
C TYR C 272 -13.23 -25.13 6.21
N PRO C 273 -13.21 -26.49 6.10
CA PRO C 273 -12.29 -27.17 5.18
C PRO C 273 -12.45 -26.71 3.74
N ALA C 274 -11.32 -26.53 3.04
CA ALA C 274 -11.31 -26.22 1.62
C ALA C 274 -11.59 -27.52 0.87
N SER C 275 -12.59 -27.49 -0.02
CA SER C 275 -13.01 -28.67 -0.75
C SER C 275 -11.88 -29.22 -1.64
N PRO C 276 -11.68 -30.56 -1.69
CA PRO C 276 -10.74 -31.17 -2.62
C PRO C 276 -10.97 -30.79 -4.10
N PHE C 277 -12.20 -30.37 -4.42
CA PHE C 277 -12.56 -29.88 -5.76
C PHE C 277 -11.63 -28.77 -6.26
N ARG C 278 -11.09 -27.96 -5.34
CA ARG C 278 -10.09 -26.93 -5.62
C ARG C 278 -8.74 -27.62 -5.81
N ARG C 279 -8.64 -28.44 -6.86
CA ARG C 279 -7.46 -29.25 -7.21
C ARG C 279 -7.94 -30.54 -7.82
N GLU D 4 -37.89 3.10 -28.60
CA GLU D 4 -37.72 4.58 -28.47
C GLU D 4 -38.78 5.13 -27.49
N ARG D 5 -38.31 5.79 -26.43
CA ARG D 5 -39.10 6.17 -25.26
C ARG D 5 -39.73 4.96 -24.55
N ILE D 6 -39.17 3.76 -24.82
CA ILE D 6 -39.58 2.51 -24.19
C ILE D 6 -38.42 1.98 -23.38
N ILE D 7 -38.69 1.62 -22.11
CA ILE D 7 -37.70 1.05 -21.22
C ILE D 7 -38.13 -0.36 -20.80
N ALA D 8 -37.29 -1.36 -21.12
CA ALA D 8 -37.53 -2.74 -20.75
C ALA D 8 -37.16 -2.97 -19.31
N PHE D 9 -37.90 -3.86 -18.65
CA PHE D 9 -37.59 -4.34 -17.31
C PHE D 9 -37.93 -5.81 -17.19
N GLN D 10 -37.36 -6.45 -16.16
CA GLN D 10 -37.59 -7.85 -15.86
C GLN D 10 -38.67 -7.96 -14.78
N GLY D 11 -39.65 -8.83 -15.02
CA GLY D 11 -40.80 -9.00 -14.15
C GLY D 11 -42.10 -8.77 -14.91
N ARG D 12 -43.18 -8.54 -14.15
CA ARG D 12 -44.52 -8.32 -14.71
C ARG D 12 -45.03 -6.96 -14.26
N PRO D 13 -46.07 -6.38 -14.91
CA PRO D 13 -46.60 -5.07 -14.51
C PRO D 13 -46.84 -4.98 -13.00
N GLY D 14 -46.46 -3.86 -12.39
CA GLY D 14 -46.60 -3.64 -10.96
C GLY D 14 -45.44 -4.11 -10.10
N ALA D 15 -44.43 -4.72 -10.74
CA ALA D 15 -43.19 -5.10 -10.08
C ALA D 15 -42.43 -3.84 -9.73
N TYR D 16 -41.60 -3.92 -8.69
CA TYR D 16 -40.80 -2.78 -8.24
C TYR D 16 -39.87 -2.27 -9.34
N SER D 17 -39.41 -3.20 -10.19
CA SER D 17 -38.65 -2.85 -11.40
C SER D 17 -39.46 -1.95 -12.33
N ASP D 18 -40.76 -2.24 -12.45
CA ASP D 18 -41.71 -1.43 -13.21
C ASP D 18 -41.81 -0.03 -12.62
N LEU D 19 -41.97 0.03 -11.29
CA LEU D 19 -42.01 1.30 -10.55
C LEU D 19 -40.71 2.10 -10.72
N ALA D 20 -39.58 1.38 -10.71
CA ALA D 20 -38.26 1.98 -10.93
C ALA D 20 -38.20 2.72 -12.26
N CYS D 21 -38.71 2.06 -13.31
CA CYS D 21 -38.75 2.64 -14.66
C CYS D 21 -39.55 3.94 -14.69
N ARG D 22 -40.69 3.95 -14.00
CA ARG D 22 -41.59 5.09 -13.95
C ARG D 22 -41.03 6.22 -13.08
N GLN D 23 -40.29 5.84 -12.04
CA GLN D 23 -39.54 6.77 -11.20
C GLN D 23 -38.40 7.44 -11.97
N ALA D 24 -37.56 6.63 -12.62
CA ALA D 24 -36.36 7.12 -13.29
C ALA D 24 -36.59 7.72 -14.66
N ARG D 25 -37.70 7.36 -15.30
CA ARG D 25 -38.06 7.83 -16.64
C ARG D 25 -39.57 8.02 -16.73
N PRO D 26 -40.13 9.06 -16.07
CA PRO D 26 -41.58 9.26 -16.08
C PRO D 26 -42.10 9.57 -17.48
N GLY D 27 -43.24 8.98 -17.85
CA GLY D 27 -43.85 9.16 -19.14
C GLY D 27 -43.45 8.11 -20.18
N TRP D 28 -42.34 7.42 -19.93
CA TRP D 28 -41.87 6.34 -20.80
C TRP D 28 -42.73 5.12 -20.60
N THR D 29 -43.13 4.48 -21.71
CA THR D 29 -43.82 3.20 -21.66
C THR D 29 -42.81 2.14 -21.22
N THR D 30 -43.21 1.33 -20.24
CA THR D 30 -42.37 0.26 -19.72
C THR D 30 -42.75 -1.06 -20.38
N LEU D 31 -41.74 -1.85 -20.74
CA LEU D 31 -41.89 -3.10 -21.48
C LEU D 31 -41.55 -4.29 -20.58
N PRO D 32 -42.57 -4.99 -20.02
CA PRO D 32 -42.31 -6.17 -19.20
C PRO D 32 -41.68 -7.32 -20.00
N CYS D 33 -40.68 -7.97 -19.42
CA CYS D 33 -40.02 -9.15 -19.96
C CYS D 33 -39.88 -10.15 -18.83
N GLN D 34 -40.07 -11.43 -19.12
CA GLN D 34 -40.09 -12.48 -18.10
C GLN D 34 -38.67 -12.84 -17.62
N THR D 35 -37.69 -12.73 -18.53
CA THR D 35 -36.31 -13.12 -18.26
C THR D 35 -35.37 -11.92 -18.40
N PHE D 36 -34.23 -11.98 -17.72
CA PHE D 36 -33.21 -10.94 -17.82
C PHE D 36 -32.61 -10.89 -19.22
N ALA D 37 -32.40 -12.07 -19.82
CA ALA D 37 -31.91 -12.20 -21.19
C ALA D 37 -32.84 -11.52 -22.21
N GLN D 38 -34.15 -11.64 -22.01
CA GLN D 38 -35.14 -10.98 -22.84
C GLN D 38 -35.12 -9.46 -22.66
N THR D 39 -34.89 -9.01 -21.42
CA THR D 39 -34.79 -7.58 -21.10
C THR D 39 -33.64 -6.91 -21.88
N ILE D 40 -32.48 -7.58 -21.92
CA ILE D 40 -31.33 -7.06 -22.67
C ILE D 40 -31.56 -7.19 -24.18
N ALA D 41 -32.18 -8.31 -24.59
CA ALA D 41 -32.51 -8.58 -25.99
C ALA D 41 -33.42 -7.50 -26.59
N ALA D 42 -34.34 -6.99 -25.77
CA ALA D 42 -35.27 -5.93 -26.18
C ALA D 42 -34.53 -4.66 -26.62
N VAL D 43 -33.46 -4.33 -25.90
CA VAL D 43 -32.63 -3.17 -26.20
C VAL D 43 -31.72 -3.45 -27.42
N HIS D 44 -31.15 -4.66 -27.47
CA HIS D 44 -30.29 -5.08 -28.58
C HIS D 44 -31.04 -5.09 -29.92
N ASP D 45 -32.30 -5.54 -29.89
CA ASP D 45 -33.12 -5.69 -31.10
C ASP D 45 -33.81 -4.39 -31.55
N GLY D 46 -33.84 -3.39 -30.68
CA GLY D 46 -34.46 -2.10 -30.96
C GLY D 46 -35.89 -1.98 -30.48
N ARG D 47 -36.37 -2.99 -29.75
CA ARG D 47 -37.71 -3.02 -29.16
C ARG D 47 -37.83 -2.10 -27.94
N ALA D 48 -36.67 -1.68 -27.40
CA ALA D 48 -36.59 -0.72 -26.30
C ALA D 48 -35.33 0.13 -26.40
N GLU D 49 -35.41 1.37 -25.92
CA GLU D 49 -34.27 2.28 -25.89
C GLU D 49 -33.34 1.91 -24.73
N LEU D 50 -33.92 1.75 -23.55
CA LEU D 50 -33.20 1.45 -22.32
C LEU D 50 -33.65 0.14 -21.68
N ALA D 51 -32.83 -0.35 -20.75
CA ALA D 51 -33.17 -1.49 -19.90
C ALA D 51 -32.86 -1.15 -18.45
N MET D 52 -33.81 -1.43 -17.55
CA MET D 52 -33.65 -1.27 -16.11
C MET D 52 -33.26 -2.64 -15.54
N LEU D 53 -32.01 -2.77 -15.11
CA LEU D 53 -31.45 -4.01 -14.57
C LEU D 53 -31.05 -3.83 -13.12
N ALA D 54 -31.61 -4.66 -12.24
CA ALA D 54 -31.25 -4.65 -10.82
C ALA D 54 -29.80 -5.13 -10.69
N CYS D 55 -29.03 -4.48 -9.80
CA CYS D 55 -27.63 -4.83 -9.57
C CYS D 55 -27.25 -5.05 -8.10
N GLU D 56 -27.90 -4.32 -7.18
CA GLU D 56 -27.60 -4.41 -5.75
C GLU D 56 -28.81 -4.18 -4.86
N ASN D 57 -28.80 -4.84 -3.69
CA ASN D 57 -29.78 -4.68 -2.63
C ASN D 57 -29.09 -4.58 -1.28
N SER D 58 -29.52 -3.60 -0.47
CA SER D 58 -28.92 -3.35 0.84
C SER D 58 -29.16 -4.47 1.85
N LEU D 59 -30.31 -5.16 1.72
CA LEU D 59 -30.68 -6.26 2.60
C LEU D 59 -30.62 -7.61 1.88
N ALA D 60 -31.48 -7.76 0.87
CA ALA D 60 -31.61 -9.01 0.12
C ALA D 60 -32.36 -8.77 -1.19
N GLY D 61 -32.19 -9.70 -2.13
CA GLY D 61 -32.83 -9.64 -3.43
C GLY D 61 -32.20 -10.56 -4.46
N ARG D 62 -32.90 -10.74 -5.58
CA ARG D 62 -32.43 -11.50 -6.72
C ARG D 62 -31.92 -10.52 -7.78
N VAL D 63 -30.62 -10.61 -8.08
CA VAL D 63 -29.99 -9.79 -9.12
C VAL D 63 -29.34 -10.66 -10.19
N PRO D 64 -29.43 -10.28 -11.48
CA PRO D 64 -28.77 -11.04 -12.54
C PRO D 64 -27.25 -10.83 -12.60
N ASP D 65 -26.55 -11.80 -13.17
CA ASP D 65 -25.11 -11.73 -13.37
C ASP D 65 -24.83 -11.14 -14.75
N ILE D 66 -24.45 -9.86 -14.77
CA ILE D 66 -24.27 -9.07 -15.99
C ILE D 66 -22.83 -9.06 -16.52
N HIS D 67 -21.90 -9.70 -15.79
CA HIS D 67 -20.47 -9.57 -16.06
C HIS D 67 -20.07 -10.08 -17.46
N ALA D 68 -20.75 -11.14 -17.91
CA ALA D 68 -20.58 -11.73 -19.22
C ALA D 68 -21.68 -11.32 -20.19
N LEU D 69 -22.94 -11.44 -19.75
CA LEU D 69 -24.12 -11.22 -20.58
C LEU D 69 -24.25 -9.81 -21.16
N LEU D 70 -23.89 -8.79 -20.37
CA LEU D 70 -24.03 -7.39 -20.79
C LEU D 70 -23.07 -7.00 -21.92
N PRO D 71 -21.74 -7.20 -21.79
CA PRO D 71 -20.83 -6.91 -22.90
C PRO D 71 -21.13 -7.74 -24.16
N GLU D 72 -21.51 -9.02 -23.96
CA GLU D 72 -21.87 -9.92 -25.05
C GLU D 72 -23.26 -9.56 -25.57
N ALA D 73 -23.32 -9.22 -26.87
CA ALA D 73 -24.51 -8.63 -27.50
C ALA D 73 -24.54 -7.11 -27.33
N GLY D 74 -23.44 -6.56 -26.78
CA GLY D 74 -23.19 -5.13 -26.76
C GLY D 74 -23.96 -4.51 -25.60
N LEU D 75 -24.20 -3.20 -25.71
CA LEU D 75 -24.87 -2.39 -24.72
C LEU D 75 -23.94 -1.97 -23.56
N PHE D 76 -24.40 -0.96 -22.80
CA PHE D 76 -23.50 -0.04 -22.09
C PHE D 76 -24.30 0.71 -21.03
N ILE D 77 -23.78 0.71 -19.80
CA ILE D 77 -24.46 1.36 -18.67
C ILE D 77 -24.39 2.88 -18.81
N VAL D 78 -25.55 3.51 -19.03
CA VAL D 78 -25.66 4.96 -19.23
C VAL D 78 -26.29 5.70 -18.04
N GLY D 79 -26.64 4.95 -16.99
CA GLY D 79 -27.24 5.52 -15.80
C GLY D 79 -27.39 4.52 -14.69
N GLU D 80 -27.73 5.02 -13.49
CA GLU D 80 -28.07 4.21 -12.35
C GLU D 80 -29.30 4.79 -11.70
N HIS D 81 -29.95 3.99 -10.84
CA HIS D 81 -31.14 4.44 -10.12
C HIS D 81 -31.25 3.70 -8.80
N PHE D 82 -31.61 4.47 -7.74
CA PHE D 82 -31.84 3.93 -6.41
C PHE D 82 -33.33 4.00 -6.10
N GLN D 83 -33.85 2.91 -5.51
CA GLN D 83 -35.25 2.78 -5.11
C GLN D 83 -35.32 2.39 -3.64
N ARG D 84 -35.94 3.23 -2.81
CA ARG D 84 -36.34 2.85 -1.47
C ARG D 84 -37.63 2.04 -1.61
N VAL D 85 -37.51 0.72 -1.46
CA VAL D 85 -38.60 -0.22 -1.69
C VAL D 85 -39.68 0.03 -0.64
N GLU D 86 -40.90 0.34 -1.10
CA GLU D 86 -42.02 0.62 -0.23
C GLU D 86 -43.08 -0.45 -0.41
N HIS D 87 -43.27 -1.26 0.66
CA HIS D 87 -44.27 -2.31 0.70
C HIS D 87 -45.59 -1.73 1.18
N CYS D 88 -46.65 -2.01 0.40
CA CYS D 88 -48.01 -1.68 0.77
C CYS D 88 -48.74 -2.98 1.06
N LEU D 89 -49.55 -2.94 2.11
CA LEU D 89 -50.49 -4.02 2.42
C LEU D 89 -51.77 -3.73 1.65
N LEU D 90 -52.11 -4.63 0.71
CA LEU D 90 -53.22 -4.45 -0.22
C LEU D 90 -54.37 -5.39 0.05
N GLY D 91 -55.58 -4.84 0.07
CA GLY D 91 -56.81 -5.58 0.25
C GLY D 91 -57.84 -5.20 -0.81
N ILE D 92 -58.98 -5.88 -0.80
CA ILE D 92 -60.07 -5.61 -1.74
C ILE D 92 -60.71 -4.28 -1.37
N PRO D 93 -61.31 -3.54 -2.34
CA PRO D 93 -62.10 -2.35 -1.99
C PRO D 93 -63.13 -2.65 -0.89
N GLY D 94 -63.02 -1.93 0.23
CA GLY D 94 -63.92 -2.09 1.36
C GLY D 94 -63.46 -3.04 2.46
N SER D 95 -62.29 -3.66 2.28
CA SER D 95 -61.63 -4.47 3.32
C SER D 95 -61.00 -3.56 4.38
N THR D 96 -60.56 -4.19 5.48
CA THR D 96 -59.81 -3.52 6.54
C THR D 96 -58.70 -4.43 7.05
N LEU D 97 -57.79 -3.86 7.84
CA LEU D 97 -56.66 -4.59 8.45
C LEU D 97 -57.14 -5.77 9.30
N ALA D 98 -58.24 -5.55 10.03
CA ALA D 98 -58.81 -6.54 10.93
C ALA D 98 -59.26 -7.81 10.20
N ASP D 99 -59.85 -7.63 9.01
CA ASP D 99 -60.33 -8.73 8.18
C ASP D 99 -59.22 -9.70 7.76
N ALA D 100 -58.04 -9.14 7.48
CA ALA D 100 -56.89 -9.90 6.97
C ALA D 100 -56.51 -11.07 7.87
N ARG D 101 -56.45 -12.27 7.28
CA ARG D 101 -56.02 -13.50 7.96
C ARG D 101 -54.78 -14.12 7.28
N ARG D 102 -54.80 -14.15 5.94
CA ARG D 102 -53.70 -14.69 5.14
C ARG D 102 -53.04 -13.57 4.35
N ILE D 103 -51.69 -13.63 4.26
CA ILE D 103 -50.89 -12.61 3.60
C ILE D 103 -50.07 -13.23 2.47
N HIS D 104 -50.21 -12.65 1.28
CA HIS D 104 -49.63 -13.18 0.04
C HIS D 104 -48.56 -12.26 -0.52
N THR D 105 -47.35 -12.79 -0.75
CA THR D 105 -46.27 -12.04 -1.36
C THR D 105 -45.07 -12.90 -1.75
N HIS D 106 -44.08 -12.24 -2.37
CA HIS D 106 -42.82 -12.86 -2.79
C HIS D 106 -42.02 -13.31 -1.57
N PRO D 107 -41.31 -14.45 -1.65
CA PRO D 107 -40.45 -14.95 -0.57
C PRO D 107 -39.64 -13.88 0.20
N VAL D 108 -38.96 -13.00 -0.54
CA VAL D 108 -38.08 -11.98 0.05
C VAL D 108 -38.89 -10.95 0.82
N ALA D 109 -39.97 -10.47 0.20
CA ALA D 109 -40.89 -9.51 0.82
C ALA D 109 -41.46 -10.07 2.13
N MET D 110 -41.82 -11.36 2.11
CA MET D 110 -42.38 -12.05 3.28
C MET D 110 -41.42 -11.98 4.48
N ALA D 111 -40.12 -12.12 4.19
CA ALA D 111 -39.07 -12.00 5.20
C ALA D 111 -39.00 -10.57 5.76
N GLN D 112 -39.05 -9.58 4.86
CA GLN D 112 -38.99 -8.17 5.20
C GLN D 112 -40.15 -7.67 6.08
N VAL D 113 -41.30 -8.38 6.01
CA VAL D 113 -42.51 -7.99 6.74
C VAL D 113 -42.91 -8.98 7.83
N ARG D 114 -41.93 -9.66 8.44
CA ARG D 114 -42.18 -10.65 9.49
C ARG D 114 -42.84 -10.02 10.71
N GLY D 115 -42.50 -8.75 10.98
CA GLY D 115 -43.04 -8.00 12.10
C GLY D 115 -44.54 -7.81 12.04
N ILE D 116 -45.07 -7.41 10.87
CA ILE D 116 -46.50 -7.16 10.70
C ILE D 116 -47.30 -8.48 10.67
N ILE D 117 -46.65 -9.58 10.26
CA ILE D 117 -47.23 -10.92 10.28
C ILE D 117 -47.50 -11.35 11.73
N THR D 118 -46.45 -11.29 12.55
CA THR D 118 -46.58 -11.54 13.98
C THR D 118 -47.47 -10.54 14.74
N GLU D 119 -47.39 -9.27 14.33
CA GLU D 119 -48.30 -8.23 14.80
C GLU D 119 -49.72 -8.61 14.31
N LEU D 120 -50.51 -9.06 15.28
CA LEU D 120 -51.68 -9.88 15.04
C LEU D 120 -51.88 -10.98 14.02
N GLY D 121 -50.85 -11.82 13.87
CA GLY D 121 -51.00 -13.22 13.52
C GLY D 121 -51.67 -13.44 12.20
N LEU D 122 -50.94 -13.08 11.14
CA LEU D 122 -51.30 -13.47 9.77
C LEU D 122 -50.65 -14.81 9.39
N ASP D 123 -51.28 -15.49 8.44
CA ASP D 123 -50.81 -16.75 7.89
C ASP D 123 -50.05 -16.47 6.61
N PRO D 124 -48.72 -16.72 6.55
CA PRO D 124 -47.95 -16.43 5.34
C PRO D 124 -48.25 -17.41 4.21
N VAL D 125 -48.57 -16.86 3.02
CA VAL D 125 -48.84 -17.64 1.82
C VAL D 125 -47.94 -17.09 0.70
N VAL D 126 -46.84 -17.80 0.44
CA VAL D 126 -45.81 -17.32 -0.50
C VAL D 126 -46.24 -17.52 -1.96
N GLU D 127 -46.23 -16.40 -2.72
CA GLU D 127 -46.52 -16.39 -4.15
C GLU D 127 -45.26 -16.15 -4.97
N PHE D 128 -45.37 -16.30 -6.29
CA PHE D 128 -44.23 -16.19 -7.21
C PHE D 128 -43.56 -14.81 -7.16
N ASP D 129 -44.38 -13.77 -7.25
CA ASP D 129 -43.95 -12.37 -7.17
C ASP D 129 -45.01 -11.50 -6.50
N THR D 130 -44.70 -10.21 -6.29
CA THR D 130 -45.60 -9.28 -5.60
C THR D 130 -46.82 -8.91 -6.43
N ALA D 131 -46.62 -8.69 -7.74
CA ALA D 131 -47.70 -8.33 -8.66
C ALA D 131 -48.75 -9.45 -8.77
N GLY D 132 -48.29 -10.70 -8.79
CA GLY D 132 -49.13 -11.87 -8.80
C GLY D 132 -49.96 -12.02 -7.54
N ALA D 133 -49.34 -11.75 -6.40
CA ALA D 133 -50.02 -11.75 -5.11
C ALA D 133 -51.16 -10.73 -5.09
N ALA D 134 -50.93 -9.57 -5.74
CA ALA D 134 -51.95 -8.53 -5.88
C ALA D 134 -53.09 -9.00 -6.80
N GLU D 135 -52.74 -9.67 -7.90
CA GLU D 135 -53.68 -10.24 -8.86
C GLU D 135 -54.56 -11.33 -8.24
N MET D 136 -53.92 -12.20 -7.46
CA MET D 136 -54.60 -13.31 -6.79
C MET D 136 -55.64 -12.80 -5.77
N VAL D 137 -55.23 -11.81 -4.98
CA VAL D 137 -56.10 -11.20 -3.97
C VAL D 137 -57.33 -10.54 -4.61
N ARG D 138 -57.10 -9.89 -5.77
CA ARG D 138 -58.19 -9.34 -6.58
C ARG D 138 -59.12 -10.43 -7.09
N GLU D 139 -58.53 -11.47 -7.69
CA GLU D 139 -59.27 -12.59 -8.28
C GLU D 139 -60.16 -13.31 -7.29
N TRP D 140 -59.60 -13.63 -6.12
CA TRP D 140 -60.32 -14.35 -5.09
C TRP D 140 -61.48 -13.59 -4.43
N GLY D 141 -61.35 -12.27 -4.32
CA GLY D 141 -62.43 -11.43 -3.79
C GLY D 141 -62.69 -11.58 -2.29
N ARG D 142 -61.78 -12.28 -1.59
CA ARG D 142 -61.86 -12.50 -0.16
C ARG D 142 -61.10 -11.46 0.66
N LYS D 143 -61.85 -10.78 1.55
CA LYS D 143 -61.30 -9.83 2.52
C LYS D 143 -60.28 -10.46 3.50
N GLU D 144 -60.34 -11.79 3.63
CA GLU D 144 -59.43 -12.56 4.48
C GLU D 144 -58.02 -12.59 3.90
N ASP D 145 -57.92 -12.51 2.57
CA ASP D 145 -56.64 -12.47 1.86
C ASP D 145 -56.22 -11.04 1.57
N VAL D 146 -54.97 -10.70 1.94
CA VAL D 146 -54.33 -9.45 1.58
C VAL D 146 -53.01 -9.76 0.89
N ALA D 147 -52.51 -8.77 0.13
CA ALA D 147 -51.22 -8.87 -0.54
C ALA D 147 -50.25 -7.84 0.01
N VAL D 148 -48.95 -8.15 -0.10
CA VAL D 148 -47.88 -7.19 0.05
C VAL D 148 -47.29 -6.97 -1.33
N ALA D 149 -47.40 -5.73 -1.83
CA ALA D 149 -46.87 -5.37 -3.13
C ALA D 149 -46.69 -3.88 -3.22
N SER D 150 -46.20 -3.44 -4.38
CA SER D 150 -46.03 -2.04 -4.70
C SER D 150 -47.37 -1.32 -4.77
N ALA D 151 -47.32 0.00 -4.57
CA ALA D 151 -48.48 0.87 -4.72
C ALA D 151 -49.00 0.86 -6.16
N LEU D 152 -48.10 0.61 -7.12
CA LEU D 152 -48.44 0.44 -8.53
C LEU D 152 -49.30 -0.81 -8.75
N ALA D 153 -48.94 -1.89 -8.06
CA ALA D 153 -49.69 -3.15 -8.11
C ALA D 153 -51.14 -2.99 -7.65
N ALA D 154 -51.34 -2.14 -6.63
CA ALA D 154 -52.65 -1.78 -6.11
C ALA D 154 -53.48 -1.04 -7.16
N GLU D 155 -52.85 -0.04 -7.79
CA GLU D 155 -53.49 0.77 -8.83
C GLU D 155 -53.94 -0.08 -10.00
N LEU D 156 -53.02 -0.89 -10.53
CA LEU D 156 -53.27 -1.72 -11.70
C LEU D 156 -54.32 -2.82 -11.48
N ASN D 157 -54.48 -3.25 -10.21
CA ASN D 157 -55.45 -4.27 -9.84
C ASN D 157 -56.67 -3.75 -9.08
N GLY D 158 -56.77 -2.42 -8.93
CA GLY D 158 -57.87 -1.77 -8.25
C GLY D 158 -58.03 -2.14 -6.79
N LEU D 159 -56.92 -2.54 -6.14
CA LEU D 159 -56.91 -2.88 -4.73
C LEU D 159 -56.69 -1.62 -3.91
N GLU D 160 -57.15 -1.65 -2.66
CA GLU D 160 -57.01 -0.54 -1.72
C GLU D 160 -55.75 -0.77 -0.88
N ILE D 161 -55.08 0.34 -0.55
CA ILE D 161 -53.89 0.31 0.30
C ILE D 161 -54.39 0.40 1.74
N LEU D 162 -54.19 -0.69 2.49
CA LEU D 162 -54.59 -0.79 3.90
C LEU D 162 -53.55 -0.15 4.82
N ARG D 163 -52.29 -0.15 4.37
CA ARG D 163 -51.19 0.49 5.07
C ARG D 163 -50.01 0.66 4.12
N ARG D 164 -49.49 1.89 4.05
CA ARG D 164 -48.22 2.18 3.36
C ARG D 164 -47.09 2.00 4.36
N ASN D 165 -45.89 1.73 3.84
CA ASN D 165 -44.69 1.46 4.65
C ASN D 165 -44.93 0.38 5.72
N VAL D 166 -45.00 -0.87 5.25
CA VAL D 166 -45.20 -2.04 6.09
C VAL D 166 -43.87 -2.62 6.63
N GLU D 167 -42.76 -2.26 5.99
CA GLU D 167 -41.42 -2.69 6.39
C GLU D 167 -41.22 -2.35 7.86
N ASP D 168 -40.66 -3.30 8.59
CA ASP D 168 -40.59 -3.25 10.06
C ASP D 168 -39.58 -2.19 10.57
N ALA D 169 -38.35 -2.62 10.89
CA ALA D 169 -37.16 -1.79 10.75
C ALA D 169 -36.73 -2.27 9.36
N THR D 170 -35.64 -3.04 9.28
CA THR D 170 -35.32 -3.96 8.17
C THR D 170 -35.72 -3.41 6.76
N HIS D 171 -35.37 -2.14 6.54
CA HIS D 171 -35.61 -1.47 5.26
C HIS D 171 -34.69 -2.07 4.18
N ASN D 172 -35.15 -1.99 2.94
CA ASN D 172 -34.35 -2.40 1.78
C ASN D 172 -34.32 -1.30 0.72
N THR D 173 -33.15 -1.09 0.12
CA THR D 173 -32.94 -0.20 -1.01
C THR D 173 -32.39 -1.04 -2.15
N THR D 174 -32.90 -0.80 -3.36
CA THR D 174 -32.47 -1.52 -4.55
C THR D 174 -31.81 -0.54 -5.49
N ARG D 175 -30.63 -0.92 -6.01
CA ARG D 175 -29.89 -0.13 -6.98
C ARG D 175 -29.97 -0.84 -8.31
N PHE D 176 -30.08 -0.04 -9.38
CA PHE D 176 -30.22 -0.55 -10.75
C PHE D 176 -29.19 0.10 -11.64
N TYR D 177 -28.68 -0.68 -12.61
CA TYR D 177 -28.00 -0.13 -13.79
C TYR D 177 -29.05 0.14 -14.86
N ILE D 178 -28.87 1.24 -15.60
CA ILE D 178 -29.70 1.59 -16.74
C ILE D 178 -28.81 1.49 -17.98
N ALA D 179 -29.13 0.52 -18.84
CA ALA D 179 -28.31 0.17 -19.99
C ALA D 179 -29.01 0.55 -21.30
N SER D 180 -28.21 1.03 -22.26
CA SER D 180 -28.67 1.31 -23.62
C SER D 180 -27.73 0.58 -24.56
N ARG D 181 -28.03 0.66 -25.87
CA ARG D 181 -27.15 0.19 -26.92
C ARG D 181 -25.88 1.02 -26.86
N ARG D 182 -24.73 0.37 -27.03
CA ARG D 182 -23.43 1.01 -26.91
C ARG D 182 -23.40 2.28 -27.78
N PRO D 183 -23.16 3.47 -27.18
CA PRO D 183 -23.09 4.71 -27.97
C PRO D 183 -21.75 4.86 -28.66
N ALA D 184 -21.70 5.71 -29.69
CA ALA D 184 -20.52 5.87 -30.54
C ALA D 184 -19.32 6.41 -29.75
N THR D 185 -19.58 7.43 -28.93
CA THR D 185 -18.59 8.06 -28.07
C THR D 185 -19.07 8.09 -26.62
N LEU D 186 -18.15 8.33 -25.68
CA LEU D 186 -18.45 8.42 -24.26
C LEU D 186 -19.02 9.80 -23.96
N PRO D 187 -19.81 9.98 -22.87
CA PRO D 187 -20.23 11.31 -22.43
C PRO D 187 -19.01 12.21 -22.22
N PRO D 188 -19.08 13.52 -22.55
CA PRO D 188 -17.89 14.37 -22.50
C PRO D 188 -17.35 14.55 -21.08
N PRO D 189 -16.01 14.57 -20.90
CA PRO D 189 -15.42 14.72 -19.57
C PRO D 189 -16.06 15.81 -18.73
N GLY D 190 -16.26 15.53 -17.44
CA GLY D 190 -16.95 16.43 -16.53
C GLY D 190 -17.07 15.85 -15.13
N PRO D 191 -17.50 16.66 -14.13
CA PRO D 191 -17.65 16.18 -12.76
C PRO D 191 -18.94 15.39 -12.58
N GLY D 192 -19.03 14.64 -11.46
CA GLY D 192 -20.21 13.90 -11.07
C GLY D 192 -20.45 12.57 -11.77
N PHE D 193 -19.46 12.10 -12.54
CA PHE D 193 -19.58 10.85 -13.30
C PHE D 193 -19.11 9.63 -12.50
N MET D 194 -19.67 8.48 -12.85
CA MET D 194 -19.27 7.17 -12.36
C MET D 194 -18.82 6.35 -13.55
N THR D 195 -17.97 5.35 -13.27
CA THR D 195 -17.49 4.43 -14.29
C THR D 195 -17.56 3.00 -13.77
N THR D 196 -18.17 2.12 -14.58
CA THR D 196 -18.21 0.70 -14.30
C THR D 196 -17.35 0.01 -15.35
N LEU D 197 -16.46 -0.89 -14.88
CA LEU D 197 -15.57 -1.63 -15.76
C LEU D 197 -15.29 -3.06 -15.29
N LEU D 198 -14.82 -3.88 -16.26
CA LEU D 198 -14.34 -5.24 -16.02
C LEU D 198 -12.83 -5.26 -16.18
N PHE D 199 -12.16 -6.00 -15.29
CA PHE D 199 -10.74 -6.31 -15.44
C PHE D 199 -10.42 -7.66 -14.80
N ARG D 200 -9.33 -8.28 -15.28
CA ARG D 200 -8.88 -9.58 -14.81
C ARG D 200 -7.47 -9.48 -14.26
N VAL D 201 -7.21 -10.17 -13.15
CA VAL D 201 -5.86 -10.38 -12.61
C VAL D 201 -5.67 -11.85 -12.27
N ASN D 202 -4.42 -12.27 -12.09
CA ASN D 202 -4.05 -13.67 -11.86
C ASN D 202 -4.42 -14.11 -10.44
N ASN D 203 -4.46 -15.43 -10.23
CA ASN D 203 -4.75 -16.01 -8.91
C ASN D 203 -3.47 -16.17 -8.08
N GLN D 204 -2.88 -15.04 -7.70
CA GLN D 204 -1.68 -15.00 -6.86
C GLN D 204 -1.89 -13.98 -5.76
N PRO D 205 -1.31 -14.20 -4.56
CA PRO D 205 -1.38 -13.22 -3.47
C PRO D 205 -0.94 -11.83 -3.96
N GLY D 206 -1.75 -10.81 -3.67
CA GLY D 206 -1.43 -9.43 -3.98
C GLY D 206 -1.82 -8.95 -5.36
N ALA D 207 -2.31 -9.86 -6.22
CA ALA D 207 -2.62 -9.55 -7.61
C ALA D 207 -3.64 -8.42 -7.69
N LEU D 208 -4.75 -8.59 -6.96
CA LEU D 208 -5.81 -7.59 -6.86
C LEU D 208 -5.29 -6.34 -6.16
N TYR D 209 -4.60 -6.55 -5.03
CA TYR D 209 -4.01 -5.49 -4.22
C TYR D 209 -3.21 -4.49 -5.04
N LYS D 210 -2.32 -5.01 -5.89
CA LYS D 210 -1.51 -4.20 -6.80
C LYS D 210 -2.36 -3.36 -7.74
N ALA D 211 -3.35 -4.02 -8.37
CA ALA D 211 -4.26 -3.38 -9.33
C ALA D 211 -5.02 -2.19 -8.72
N LEU D 212 -5.20 -2.23 -7.39
CA LEU D 212 -5.92 -1.20 -6.63
C LEU D 212 -5.03 -0.06 -6.11
N GLY D 213 -3.72 -0.35 -5.96
CA GLY D 213 -2.75 0.60 -5.45
C GLY D 213 -2.82 1.96 -6.11
N GLY D 214 -2.87 1.95 -7.45
CA GLY D 214 -2.99 3.14 -8.26
C GLY D 214 -4.24 3.97 -8.02
N LEU D 215 -5.31 3.31 -7.57
CA LEU D 215 -6.56 3.98 -7.26
C LEU D 215 -6.45 4.71 -5.92
N ALA D 216 -5.87 4.04 -4.92
CA ALA D 216 -5.76 4.57 -3.56
C ALA D 216 -4.89 5.84 -3.47
N THR D 217 -3.67 5.76 -4.03
CA THR D 217 -2.73 6.88 -3.98
C THR D 217 -3.16 8.04 -4.87
N ALA D 218 -3.99 7.75 -5.88
CA ALA D 218 -4.55 8.78 -6.76
C ALA D 218 -5.86 9.40 -6.24
N GLY D 219 -6.29 8.96 -5.05
CA GLY D 219 -7.46 9.50 -4.38
C GLY D 219 -8.80 9.18 -5.02
N VAL D 220 -8.83 8.10 -5.80
CA VAL D 220 -10.05 7.68 -6.51
C VAL D 220 -10.83 6.66 -5.67
N ASN D 221 -12.09 6.99 -5.38
CA ASN D 221 -12.94 6.21 -4.48
C ASN D 221 -13.80 5.19 -5.23
N MET D 222 -13.70 3.91 -4.82
CA MET D 222 -14.52 2.82 -5.34
C MET D 222 -15.85 2.77 -4.61
N THR D 223 -16.94 2.56 -5.35
CA THR D 223 -18.27 2.42 -4.79
C THR D 223 -18.78 0.96 -4.81
N ARG D 224 -18.28 0.17 -5.77
CA ARG D 224 -18.58 -1.25 -5.84
C ARG D 224 -17.41 -2.07 -6.38
N LEU D 225 -17.30 -3.30 -5.90
CA LEU D 225 -16.32 -4.27 -6.37
C LEU D 225 -16.85 -5.70 -6.15
N GLU D 226 -16.72 -6.53 -7.19
CA GLU D 226 -17.26 -7.89 -7.17
C GLU D 226 -16.47 -8.84 -8.07
N SER D 227 -16.00 -9.95 -7.48
CA SER D 227 -15.21 -10.97 -8.17
C SER D 227 -16.09 -12.03 -8.84
N TYR D 228 -15.56 -12.66 -9.89
CA TYR D 228 -16.19 -13.74 -10.62
C TYR D 228 -15.16 -14.82 -10.92
N MET D 229 -15.53 -16.07 -10.63
CA MET D 229 -14.67 -17.23 -10.90
C MET D 229 -14.67 -17.52 -12.40
N LEU D 230 -13.58 -18.12 -12.88
CA LEU D 230 -13.44 -18.59 -14.25
C LEU D 230 -13.72 -20.08 -14.31
N GLU D 231 -14.48 -20.50 -15.34
CA GLU D 231 -15.07 -21.84 -15.45
C GLU D 231 -14.35 -23.01 -14.77
N GLY D 232 -14.43 -23.04 -13.44
CA GLY D 232 -13.87 -24.08 -12.59
C GLY D 232 -12.36 -24.32 -12.65
N SER D 233 -11.61 -23.31 -13.09
CA SER D 233 -10.18 -23.47 -13.41
C SER D 233 -9.16 -22.62 -12.63
N PHE D 234 -9.62 -21.60 -11.89
CA PHE D 234 -8.86 -20.94 -10.84
C PHE D 234 -7.52 -20.26 -11.16
N SER D 235 -7.25 -19.95 -12.44
CA SER D 235 -5.96 -19.38 -12.85
C SER D 235 -5.93 -17.85 -12.76
N ALA D 236 -7.10 -17.24 -12.95
CA ALA D 236 -7.30 -15.80 -12.85
C ALA D 236 -8.64 -15.54 -12.18
N THR D 237 -8.89 -14.25 -11.86
CA THR D 237 -10.19 -13.79 -11.40
C THR D 237 -10.58 -12.49 -12.07
N GLN D 238 -11.82 -12.44 -12.57
CA GLN D 238 -12.38 -11.25 -13.17
C GLN D 238 -13.08 -10.43 -12.11
N PHE D 239 -13.09 -9.10 -12.29
CA PHE D 239 -13.72 -8.17 -11.37
C PHE D 239 -14.59 -7.18 -12.11
N LEU D 240 -15.76 -6.88 -11.53
CA LEU D 240 -16.58 -5.76 -11.92
C LEU D 240 -16.36 -4.70 -10.85
N MET D 241 -16.09 -3.46 -11.31
CA MET D 241 -15.76 -2.36 -10.42
C MET D 241 -16.53 -1.10 -10.84
N ASP D 242 -17.22 -0.50 -9.84
CA ASP D 242 -17.75 0.85 -9.96
C ASP D 242 -16.79 1.78 -9.25
N VAL D 243 -16.38 2.84 -9.94
CA VAL D 243 -15.49 3.85 -9.40
C VAL D 243 -15.97 5.23 -9.79
N GLU D 244 -15.80 6.20 -8.88
CA GLU D 244 -16.10 7.60 -9.13
C GLU D 244 -15.12 8.13 -10.17
N GLY D 245 -15.63 8.92 -11.12
CA GLY D 245 -14.84 9.56 -12.15
C GLY D 245 -15.24 9.21 -13.56
N HIS D 246 -14.48 9.75 -14.52
CA HIS D 246 -14.67 9.59 -15.95
C HIS D 246 -13.35 9.17 -16.57
N PRO D 247 -13.30 8.11 -17.41
CA PRO D 247 -12.03 7.52 -17.85
C PRO D 247 -11.16 8.43 -18.73
N GLU D 248 -11.74 9.48 -19.31
CA GLU D 248 -11.03 10.47 -20.11
C GLU D 248 -10.86 11.81 -19.36
N ALA D 249 -10.70 11.73 -18.05
CA ALA D 249 -10.55 12.91 -17.19
C ALA D 249 -9.90 12.50 -15.87
N PRO D 250 -8.97 13.32 -15.32
CA PRO D 250 -8.36 13.02 -14.02
C PRO D 250 -9.38 13.16 -12.88
N PRO D 251 -9.20 12.47 -11.74
CA PRO D 251 -8.01 11.65 -11.48
C PRO D 251 -8.07 10.19 -11.97
N LEU D 252 -9.21 9.78 -12.53
CA LEU D 252 -9.42 8.38 -12.93
C LEU D 252 -8.57 7.95 -14.12
N ALA D 253 -8.44 8.84 -15.12
CA ALA D 253 -7.73 8.56 -16.38
C ALA D 253 -6.37 7.89 -16.15
N ARG D 254 -5.52 8.55 -15.34
CA ARG D 254 -4.18 8.06 -15.02
C ARG D 254 -4.21 6.83 -14.14
N ALA D 255 -5.16 6.78 -13.20
CA ALA D 255 -5.33 5.64 -12.29
C ALA D 255 -5.62 4.35 -13.05
N LEU D 256 -6.40 4.45 -14.14
CA LEU D 256 -6.74 3.32 -14.98
C LEU D 256 -5.54 2.82 -15.81
N ASP D 257 -4.70 3.75 -16.25
CA ASP D 257 -3.45 3.40 -16.94
C ASP D 257 -2.55 2.54 -16.07
N GLU D 258 -2.49 2.87 -14.77
CA GLU D 258 -1.73 2.10 -13.78
C GLU D 258 -2.37 0.73 -13.56
N LEU D 259 -3.69 0.72 -13.37
CA LEU D 259 -4.46 -0.51 -13.22
C LEU D 259 -4.19 -1.48 -14.37
N SER D 260 -4.05 -0.93 -15.59
CA SER D 260 -3.77 -1.71 -16.80
C SER D 260 -2.43 -2.45 -16.75
N PHE D 261 -1.46 -1.89 -16.04
CA PHE D 261 -0.14 -2.51 -15.86
C PHE D 261 -0.21 -3.79 -15.00
N PHE D 262 -1.15 -3.81 -14.04
CA PHE D 262 -1.30 -4.93 -13.10
C PHE D 262 -2.47 -5.86 -13.40
N SER D 263 -3.13 -5.65 -14.55
CA SER D 263 -4.31 -6.41 -14.93
C SER D 263 -4.35 -6.70 -16.44
N GLU D 264 -5.34 -7.49 -16.86
CA GLU D 264 -5.58 -7.83 -18.26
C GLU D 264 -7.01 -7.48 -18.67
N GLN D 265 -7.26 -7.52 -19.99
CA GLN D 265 -8.59 -7.42 -20.59
C GLN D 265 -9.51 -6.41 -19.89
N GLN D 266 -9.01 -5.19 -19.70
CA GLN D 266 -9.79 -4.09 -19.18
C GLN D 266 -10.89 -3.74 -20.17
N GLU D 267 -12.10 -3.46 -19.64
CA GLU D 267 -13.24 -3.08 -20.46
C GLU D 267 -14.17 -2.14 -19.71
N ILE D 268 -14.49 -0.99 -20.33
CA ILE D 268 -15.44 -0.04 -19.79
C ILE D 268 -16.86 -0.50 -20.12
N LEU D 269 -17.63 -0.81 -19.08
CA LEU D 269 -19.02 -1.26 -19.21
C LEU D 269 -19.99 -0.08 -19.24
N GLY D 270 -19.56 1.06 -18.68
CA GLY D 270 -20.40 2.23 -18.59
C GLY D 270 -19.71 3.44 -18.00
N VAL D 271 -20.15 4.62 -18.45
CA VAL D 271 -19.75 5.91 -17.90
C VAL D 271 -21.03 6.74 -17.80
N TYR D 272 -21.43 7.10 -16.58
CA TYR D 272 -22.76 7.64 -16.31
C TYR D 272 -22.79 8.59 -15.11
N PRO D 273 -23.76 9.53 -15.06
CA PRO D 273 -23.92 10.40 -13.90
C PRO D 273 -24.17 9.64 -12.60
N ALA D 274 -23.53 10.10 -11.52
CA ALA D 274 -23.77 9.58 -10.17
C ALA D 274 -25.08 10.17 -9.66
N SER D 275 -25.98 9.31 -9.20
CA SER D 275 -27.31 9.72 -8.76
C SER D 275 -27.23 10.64 -7.54
N PRO D 276 -28.04 11.73 -7.50
CA PRO D 276 -28.15 12.57 -6.30
C PRO D 276 -28.51 11.81 -5.03
N PHE D 277 -29.13 10.63 -5.18
CA PHE D 277 -29.49 9.75 -4.06
C PHE D 277 -28.30 9.43 -3.16
N ARG D 278 -27.10 9.39 -3.74
CA ARG D 278 -25.86 9.14 -3.00
C ARG D 278 -25.52 10.17 -1.90
N ARG D 279 -26.16 11.35 -1.96
CA ARG D 279 -25.92 12.45 -1.03
C ARG D 279 -27.24 13.03 -0.50
N LYS D 280 -28.21 12.15 -0.27
CA LYS D 280 -29.56 12.52 0.17
C LYS D 280 -29.83 11.91 1.54
N PRO D 281 -30.28 12.71 2.54
CA PRO D 281 -30.72 12.14 3.82
C PRO D 281 -32.13 11.53 3.71
N PHE E . 14.09 -4.31 5.67
CA PHE E . 12.77 -3.64 5.80
C PHE E . 12.02 -3.50 4.38
O PHE E . 12.46 -4.09 3.39
CB PHE E . 12.96 -2.24 6.42
CG PHE E . 14.13 -1.49 5.85
CD1 PHE E . 14.01 -0.78 4.67
CD2 PHE E . 15.37 -1.54 6.47
CE1 PHE E . 15.09 -0.09 4.14
CE2 PHE E . 16.46 -0.86 5.95
CZ PHE E . 16.31 -0.14 4.78
OXT PHE E . 10.99 -2.81 4.22
N PHE F . 7.90 12.85 -2.16
CA PHE F . 7.86 11.46 -2.60
C PHE F . 7.05 10.54 -1.65
O PHE F . 6.48 10.99 -0.65
CB PHE F . 9.29 10.93 -2.76
CG PHE F . 10.10 10.97 -1.50
CD1 PHE F . 9.91 9.99 -0.53
CD2 PHE F . 11.05 11.96 -1.27
CE1 PHE F . 10.65 10.00 0.65
CE2 PHE F . 11.78 11.98 -0.10
CZ PHE F . 11.58 10.99 0.86
OXT PHE F . 6.92 9.32 -1.88
N PHE G . -14.55 3.42 -1.17
CA PHE G . -13.55 2.68 -0.40
C PHE G . -12.20 2.51 -1.14
O PHE G . -11.24 1.96 -0.58
CB PHE G . -14.10 1.30 0.01
CG PHE G . -14.66 0.51 -1.14
CD1 PHE G . -13.81 -0.17 -2.00
CD2 PHE G . -16.03 0.43 -1.35
CE1 PHE G . -14.33 -0.92 -3.06
CE2 PHE G . -16.55 -0.30 -2.41
CZ PHE G . -15.69 -0.98 -3.26
OXT PHE G . -12.02 2.91 -2.30
N PHE H . -6.05 -14.39 -5.84
CA PHE H . -5.76 -13.01 -6.22
C PHE H . -5.40 -12.19 -4.98
O PHE H . -5.19 -12.75 -3.90
CB PHE H . -6.94 -12.37 -6.99
CG PHE H . -8.29 -12.65 -6.40
CD1 PHE H . -8.90 -13.89 -6.55
CD2 PHE H . -8.96 -11.67 -5.69
CE1 PHE H . -10.15 -14.15 -6.02
CE2 PHE H . -10.22 -11.92 -5.15
CZ PHE H . -10.81 -13.16 -5.32
OXT PHE H . -5.30 -10.96 -5.02
#